data_2EM4
#
_entry.id   2EM4
#
loop_
_entity.id
_entity.type
_entity.pdbx_description
1 polymer 'Zinc finger protein 28 homolog'
2 non-polymer 'ZINC ION'
#
_entity_poly.entity_id   1
_entity_poly.type   'polypeptide(L)'
_entity_poly.pdbx_seq_one_letter_code
;GSSGSSGTGQRPYECIECGKAFKTKSSLICHRRSHTGEKPSGPSSG
;
_entity_poly.pdbx_strand_id   A
#
loop_
_chem_comp.id
_chem_comp.type
_chem_comp.name
_chem_comp.formula
ZN non-polymer 'ZINC ION' 'Zn 2'
#
# COMPACT_ATOMS: atom_id res chain seq x y z
N GLY A 1 -0.96 20.63 -20.55
CA GLY A 1 -2.17 19.85 -20.36
C GLY A 1 -2.04 18.44 -20.90
N SER A 2 -2.83 17.52 -20.34
CA SER A 2 -2.79 16.13 -20.76
C SER A 2 -4.21 15.59 -20.99
N SER A 3 -4.30 14.41 -21.57
CA SER A 3 -5.59 13.79 -21.84
C SER A 3 -6.43 13.70 -20.57
N GLY A 4 -7.74 13.89 -20.73
CA GLY A 4 -8.63 13.84 -19.59
C GLY A 4 -8.26 12.74 -18.60
N SER A 5 -8.16 13.10 -17.33
CA SER A 5 -7.80 12.14 -16.29
C SER A 5 -8.72 12.28 -15.08
N SER A 6 -8.50 11.44 -14.07
CA SER A 6 -9.31 11.47 -12.87
C SER A 6 -8.44 11.44 -11.61
N GLY A 7 -9.06 11.59 -10.46
CA GLY A 7 -8.32 11.59 -9.21
C GLY A 7 -8.96 10.71 -8.16
N THR A 8 -8.58 9.44 -8.14
CA THR A 8 -9.13 8.48 -7.18
C THR A 8 -8.90 8.95 -5.75
N GLY A 9 -9.67 8.39 -4.82
CA GLY A 9 -9.53 8.77 -3.42
C GLY A 9 -10.78 8.48 -2.61
N GLN A 10 -10.79 7.35 -1.93
CA GLN A 10 -11.94 6.96 -1.11
C GLN A 10 -11.60 7.02 0.38
N ARG A 11 -10.45 6.47 0.74
CA ARG A 11 -10.01 6.45 2.12
C ARG A 11 -8.88 7.45 2.35
N PRO A 12 -8.75 7.93 3.60
CA PRO A 12 -7.72 8.89 3.97
C PRO A 12 -6.32 8.28 3.94
N TYR A 13 -6.26 6.96 3.87
CA TYR A 13 -4.98 6.25 3.84
C TYR A 13 -4.91 5.30 2.66
N GLU A 14 -4.17 5.68 1.62
CA GLU A 14 -4.03 4.85 0.44
C GLU A 14 -2.56 4.61 0.12
N CYS A 15 -2.15 3.35 0.22
CA CYS A 15 -0.76 2.97 -0.04
C CYS A 15 -0.42 3.16 -1.52
N ILE A 16 0.77 3.67 -1.79
CA ILE A 16 1.21 3.89 -3.17
C ILE A 16 2.21 2.83 -3.60
N GLU A 17 2.74 2.10 -2.63
CA GLU A 17 3.72 1.04 -2.91
C GLU A 17 3.11 -0.04 -3.79
N CYS A 18 1.89 -0.45 -3.46
CA CYS A 18 1.19 -1.48 -4.21
C CYS A 18 -0.15 -0.98 -4.71
N GLY A 19 -0.90 -0.32 -3.82
CA GLY A 19 -2.20 0.21 -4.18
C GLY A 19 -3.31 -0.36 -3.33
N LYS A 20 -3.21 -0.15 -2.01
CA LYS A 20 -4.23 -0.64 -1.08
C LYS A 20 -4.82 0.50 -0.27
N ALA A 21 -6.04 0.31 0.20
CA ALA A 21 -6.72 1.33 1.00
C ALA A 21 -7.01 0.82 2.41
N PHE A 22 -6.66 1.63 3.41
CA PHE A 22 -6.88 1.26 4.80
C PHE A 22 -7.77 2.28 5.50
N LYS A 23 -8.39 1.86 6.61
CA LYS A 23 -9.26 2.73 7.38
C LYS A 23 -8.46 3.68 8.26
N THR A 24 -7.49 3.11 8.99
CA THR A 24 -6.65 3.90 9.88
C THR A 24 -5.19 3.84 9.44
N LYS A 25 -4.40 4.81 9.90
CA LYS A 25 -2.98 4.87 9.56
C LYS A 25 -2.24 3.67 10.14
N SER A 26 -2.44 3.41 11.42
CA SER A 26 -1.78 2.29 12.10
C SER A 26 -1.66 1.09 11.16
N SER A 27 -2.71 0.85 10.37
CA SER A 27 -2.72 -0.26 9.44
C SER A 27 -1.86 0.04 8.22
N LEU A 28 -1.99 1.26 7.70
CA LEU A 28 -1.22 1.68 6.53
C LEU A 28 0.28 1.61 6.81
N ILE A 29 0.65 1.96 8.04
CA ILE A 29 2.05 1.94 8.44
C ILE A 29 2.58 0.52 8.54
N CYS A 30 1.93 -0.29 9.37
CA CYS A 30 2.32 -1.68 9.57
C CYS A 30 2.38 -2.41 8.23
N HIS A 31 1.73 -1.86 7.22
CA HIS A 31 1.70 -2.46 5.90
C HIS A 31 2.85 -1.92 5.03
N ARG A 32 2.87 -0.61 4.84
CA ARG A 32 3.91 0.04 4.03
C ARG A 32 5.28 -0.51 4.40
N ARG A 33 5.64 -0.40 5.67
CA ARG A 33 6.93 -0.87 6.15
C ARG A 33 7.23 -2.27 5.62
N SER A 34 6.21 -3.13 5.65
CA SER A 34 6.36 -4.51 5.18
C SER A 34 7.02 -4.54 3.82
N HIS A 35 6.48 -3.79 2.87
CA HIS A 35 7.03 -3.73 1.52
C HIS A 35 8.56 -3.77 1.56
N THR A 36 9.16 -2.88 2.34
CA THR A 36 10.61 -2.82 2.46
C THR A 36 11.14 -3.99 3.27
N GLY A 37 12.26 -4.56 2.82
CA GLY A 37 12.86 -5.68 3.52
C GLY A 37 13.99 -6.32 2.73
N GLU A 38 13.79 -7.55 2.31
CA GLU A 38 14.81 -8.28 1.55
C GLU A 38 14.82 -7.81 0.09
N LYS A 39 15.47 -6.68 -0.17
CA LYS A 39 15.55 -6.14 -1.51
C LYS A 39 16.47 -4.91 -1.54
N PRO A 40 17.22 -4.76 -2.65
CA PRO A 40 18.14 -3.63 -2.82
C PRO A 40 17.40 -2.31 -3.02
N SER A 41 17.67 -1.35 -2.14
CA SER A 41 17.03 -0.04 -2.22
C SER A 41 18.06 1.05 -2.53
N GLY A 42 17.59 2.28 -2.70
CA GLY A 42 18.47 3.39 -2.99
C GLY A 42 18.50 4.41 -1.88
N PRO A 43 18.90 5.65 -2.23
CA PRO A 43 18.98 6.75 -1.25
C PRO A 43 17.60 7.21 -0.80
N SER A 44 17.31 7.02 0.49
CA SER A 44 16.03 7.41 1.05
C SER A 44 16.03 8.89 1.41
N SER A 45 14.96 9.59 1.03
CA SER A 45 14.84 11.02 1.31
C SER A 45 13.44 11.35 1.83
N GLY A 46 13.39 12.08 2.95
CA GLY A 46 12.12 12.44 3.52
C GLY A 46 12.26 13.06 4.90
ZN ZN B . 1.27 -1.29 -0.28
N GLY A 1 -7.18 -4.42 -16.18
CA GLY A 1 -8.07 -3.28 -16.40
C GLY A 1 -9.52 -3.62 -16.11
N SER A 2 -10.42 -3.01 -16.88
CA SER A 2 -11.85 -3.23 -16.70
C SER A 2 -12.30 -2.81 -15.31
N SER A 3 -11.85 -1.64 -14.87
CA SER A 3 -12.21 -1.13 -13.56
C SER A 3 -13.14 0.08 -13.68
N GLY A 4 -13.98 0.28 -12.67
CA GLY A 4 -14.90 1.40 -12.69
C GLY A 4 -15.71 1.49 -11.42
N SER A 5 -16.53 0.47 -11.16
CA SER A 5 -17.37 0.44 -9.97
C SER A 5 -16.53 0.61 -8.70
N SER A 6 -17.09 1.30 -7.72
CA SER A 6 -16.41 1.55 -6.45
C SER A 6 -17.40 1.84 -5.34
N GLY A 7 -16.89 1.89 -4.11
CA GLY A 7 -17.74 2.16 -2.96
C GLY A 7 -17.03 1.96 -1.64
N THR A 8 -16.29 0.86 -1.53
CA THR A 8 -15.56 0.55 -0.32
C THR A 8 -14.13 1.07 -0.39
N GLY A 9 -13.95 2.19 -1.07
CA GLY A 9 -12.63 2.79 -1.20
C GLY A 9 -12.59 4.24 -0.79
N GLN A 10 -11.85 5.05 -1.54
CA GLN A 10 -11.74 6.48 -1.24
C GLN A 10 -11.40 6.69 0.23
N ARG A 11 -10.44 5.92 0.73
CA ARG A 11 -10.02 6.03 2.11
C ARG A 11 -8.98 7.14 2.28
N PRO A 12 -8.95 7.75 3.47
CA PRO A 12 -8.02 8.83 3.80
C PRO A 12 -6.58 8.33 3.89
N TYR A 13 -6.41 7.02 3.86
CA TYR A 13 -5.08 6.42 3.95
C TYR A 13 -4.89 5.33 2.90
N GLU A 14 -4.20 5.67 1.81
CA GLU A 14 -3.96 4.71 0.73
C GLU A 14 -2.47 4.53 0.50
N CYS A 15 -2.08 3.33 0.08
CA CYS A 15 -0.67 3.03 -0.18
C CYS A 15 -0.32 3.32 -1.64
N ILE A 16 0.94 3.65 -1.88
CA ILE A 16 1.40 3.94 -3.22
C ILE A 16 2.20 2.78 -3.81
N GLU A 17 2.98 2.12 -2.97
CA GLU A 17 3.78 0.99 -3.39
C GLU A 17 2.96 0.04 -4.26
N CYS A 18 1.99 -0.63 -3.65
CA CYS A 18 1.14 -1.57 -4.37
C CYS A 18 -0.18 -0.91 -4.78
N GLY A 19 -0.77 -0.16 -3.85
CA GLY A 19 -2.02 0.52 -4.14
C GLY A 19 -3.19 -0.11 -3.41
N LYS A 20 -3.37 0.26 -2.14
CA LYS A 20 -4.46 -0.26 -1.33
C LYS A 20 -5.09 0.83 -0.48
N ALA A 21 -6.15 0.49 0.24
CA ALA A 21 -6.83 1.44 1.10
C ALA A 21 -7.04 0.86 2.50
N PHE A 22 -6.65 1.64 3.51
CA PHE A 22 -6.79 1.21 4.89
C PHE A 22 -7.71 2.14 5.66
N LYS A 23 -8.40 1.59 6.66
CA LYS A 23 -9.33 2.37 7.48
C LYS A 23 -8.57 3.34 8.39
N THR A 24 -7.48 2.85 8.99
CA THR A 24 -6.68 3.66 9.89
C THR A 24 -5.24 3.78 9.38
N LYS A 25 -4.61 4.92 9.66
CA LYS A 25 -3.24 5.14 9.23
C LYS A 25 -2.30 4.09 9.81
N SER A 26 -2.30 3.97 11.14
CA SER A 26 -1.45 3.00 11.82
C SER A 26 -1.42 1.68 11.06
N SER A 27 -2.59 1.10 10.83
CA SER A 27 -2.69 -0.16 10.11
C SER A 27 -1.87 -0.13 8.83
N LEU A 28 -2.12 0.88 8.00
CA LEU A 28 -1.41 1.04 6.74
C LEU A 28 0.10 1.04 6.96
N ILE A 29 0.53 1.74 8.00
CA ILE A 29 1.95 1.83 8.33
C ILE A 29 2.59 0.44 8.37
N CYS A 30 2.01 -0.46 9.16
CA CYS A 30 2.53 -1.81 9.29
C CYS A 30 2.61 -2.49 7.92
N HIS A 31 1.82 -1.99 6.98
CA HIS A 31 1.80 -2.55 5.62
C HIS A 31 2.84 -1.86 4.74
N ARG A 32 3.10 -0.59 5.02
CA ARG A 32 4.06 0.19 4.25
C ARG A 32 5.48 -0.30 4.52
N ARG A 33 5.81 -0.51 5.79
CA ARG A 33 7.13 -0.97 6.18
C ARG A 33 7.27 -2.48 5.96
N SER A 34 6.15 -3.17 5.99
CA SER A 34 6.14 -4.62 5.79
C SER A 34 6.58 -4.98 4.38
N HIS A 35 6.36 -4.07 3.45
CA HIS A 35 6.72 -4.28 2.06
C HIS A 35 8.17 -4.77 1.95
N THR A 36 9.11 -3.86 2.14
CA THR A 36 10.53 -4.21 2.07
C THR A 36 10.97 -5.00 3.30
N GLY A 37 11.73 -6.06 3.08
CA GLY A 37 12.21 -6.88 4.19
C GLY A 37 12.89 -8.15 3.71
N GLU A 38 12.10 -9.19 3.48
CA GLU A 38 12.63 -10.47 3.03
C GLU A 38 12.13 -10.80 1.63
N LYS A 39 12.82 -10.27 0.63
CA LYS A 39 12.45 -10.50 -0.77
C LYS A 39 13.55 -10.01 -1.71
N PRO A 40 13.63 -10.63 -2.91
CA PRO A 40 14.63 -10.27 -3.91
C PRO A 40 14.36 -8.90 -4.53
N SER A 41 15.40 -8.07 -4.59
CA SER A 41 15.28 -6.73 -5.16
C SER A 41 15.30 -6.78 -6.68
N GLY A 42 14.69 -5.78 -7.31
CA GLY A 42 14.65 -5.73 -8.76
C GLY A 42 13.38 -5.08 -9.28
N PRO A 43 13.25 -3.76 -9.06
CA PRO A 43 12.08 -3.00 -9.51
C PRO A 43 12.04 -2.84 -11.02
N SER A 44 11.08 -3.53 -11.65
CA SER A 44 10.93 -3.48 -13.10
C SER A 44 9.75 -2.57 -13.48
N SER A 45 8.57 -2.89 -12.97
CA SER A 45 7.37 -2.12 -13.26
C SER A 45 7.50 -0.70 -12.72
N GLY A 46 6.73 0.22 -13.30
CA GLY A 46 6.77 1.60 -12.86
C GLY A 46 8.08 2.27 -13.20
ZN ZN B . 1.37 -1.42 -0.33
N GLY A 1 -11.35 -5.96 -12.05
CA GLY A 1 -12.72 -5.48 -11.97
C GLY A 1 -13.05 -4.89 -10.61
N SER A 2 -13.70 -3.74 -10.62
CA SER A 2 -14.07 -3.06 -9.38
C SER A 2 -15.27 -2.13 -9.60
N SER A 3 -16.09 -1.99 -8.56
CA SER A 3 -17.27 -1.14 -8.65
C SER A 3 -17.18 0.02 -7.65
N GLY A 4 -16.91 1.21 -8.16
CA GLY A 4 -16.80 2.38 -7.30
C GLY A 4 -18.11 3.14 -7.18
N SER A 5 -19.18 2.43 -6.89
CA SER A 5 -20.49 3.04 -6.75
C SER A 5 -20.69 3.60 -5.35
N SER A 6 -19.66 4.26 -4.83
CA SER A 6 -19.72 4.84 -3.49
C SER A 6 -20.15 3.80 -2.46
N GLY A 7 -19.58 2.61 -2.57
CA GLY A 7 -19.91 1.54 -1.64
C GLY A 7 -19.06 1.58 -0.39
N THR A 8 -17.83 1.10 -0.48
CA THR A 8 -16.92 1.09 0.66
C THR A 8 -16.33 2.46 0.91
N GLY A 9 -16.52 3.37 -0.05
CA GLY A 9 -16.00 4.72 0.10
C GLY A 9 -14.49 4.77 0.08
N GLN A 10 -13.93 5.93 -0.23
CA GLN A 10 -12.49 6.09 -0.29
C GLN A 10 -11.90 6.26 1.11
N ARG A 11 -10.61 5.95 1.25
CA ARG A 11 -9.94 6.06 2.53
C ARG A 11 -8.84 7.11 2.47
N PRO A 12 -8.64 7.83 3.59
CA PRO A 12 -7.61 8.87 3.69
C PRO A 12 -6.20 8.30 3.69
N TYR A 13 -6.10 6.98 3.81
CA TYR A 13 -4.80 6.32 3.83
C TYR A 13 -4.72 5.26 2.72
N GLU A 14 -3.74 5.42 1.83
CA GLU A 14 -3.56 4.49 0.73
C GLU A 14 -2.07 4.20 0.51
N CYS A 15 -1.74 2.92 0.36
CA CYS A 15 -0.36 2.50 0.14
C CYS A 15 0.01 2.59 -1.33
N ILE A 16 0.39 3.78 -1.77
CA ILE A 16 0.77 4.00 -3.16
C ILE A 16 1.69 2.89 -3.66
N GLU A 17 2.48 2.33 -2.75
CA GLU A 17 3.41 1.27 -3.09
C GLU A 17 2.75 0.24 -4.01
N CYS A 18 1.72 -0.43 -3.48
CA CYS A 18 1.00 -1.44 -4.25
C CYS A 18 -0.32 -0.88 -4.77
N GLY A 19 -1.04 -0.18 -3.91
CA GLY A 19 -2.31 0.41 -4.30
C GLY A 19 -3.47 -0.13 -3.48
N LYS A 20 -3.36 -0.02 -2.17
CA LYS A 20 -4.40 -0.49 -1.27
C LYS A 20 -4.85 0.62 -0.31
N ALA A 21 -6.13 0.61 0.03
CA ALA A 21 -6.69 1.61 0.93
C ALA A 21 -6.96 1.02 2.31
N PHE A 22 -6.52 1.73 3.35
CA PHE A 22 -6.71 1.27 4.72
C PHE A 22 -7.64 2.23 5.48
N LYS A 23 -8.50 1.65 6.32
CA LYS A 23 -9.44 2.44 7.10
C LYS A 23 -8.70 3.28 8.15
N THR A 24 -7.75 2.65 8.84
CA THR A 24 -6.97 3.33 9.87
C THR A 24 -5.56 3.65 9.36
N LYS A 25 -4.92 4.62 10.00
CA LYS A 25 -3.57 5.01 9.63
C LYS A 25 -2.54 3.99 10.12
N SER A 26 -2.61 3.66 11.39
CA SER A 26 -1.69 2.69 11.98
C SER A 26 -1.59 1.43 11.12
N SER A 27 -2.75 0.95 10.67
CA SER A 27 -2.79 -0.25 9.83
C SER A 27 -1.90 -0.09 8.61
N LEU A 28 -1.94 1.09 8.00
CA LEU A 28 -1.13 1.37 6.82
C LEU A 28 0.35 1.47 7.18
N ILE A 29 0.67 2.38 8.09
CA ILE A 29 2.04 2.57 8.53
C ILE A 29 2.79 1.23 8.62
N CYS A 30 2.14 0.24 9.20
CA CYS A 30 2.73 -1.08 9.35
C CYS A 30 2.90 -1.76 7.99
N HIS A 31 1.86 -1.68 7.16
CA HIS A 31 1.91 -2.28 5.84
C HIS A 31 3.02 -1.65 4.99
N ARG A 32 3.22 -0.35 5.15
CA ARG A 32 4.24 0.36 4.40
C ARG A 32 5.62 -0.20 4.70
N ARG A 33 5.71 -1.01 5.75
CA ARG A 33 6.98 -1.62 6.15
C ARG A 33 7.15 -2.98 5.49
N SER A 34 6.13 -3.82 5.60
CA SER A 34 6.18 -5.16 5.03
C SER A 34 6.87 -5.15 3.67
N HIS A 35 6.72 -4.05 2.94
CA HIS A 35 7.34 -3.91 1.63
C HIS A 35 8.86 -3.86 1.75
N THR A 36 9.36 -3.01 2.64
CA THR A 36 10.79 -2.86 2.84
C THR A 36 11.35 -4.02 3.67
N GLY A 37 11.57 -5.15 3.01
CA GLY A 37 12.10 -6.31 3.69
C GLY A 37 11.17 -6.81 4.79
N GLU A 38 10.32 -7.77 4.44
CA GLU A 38 9.39 -8.34 5.40
C GLU A 38 10.08 -9.36 6.32
N LYS A 39 11.25 -8.99 6.82
CA LYS A 39 12.01 -9.87 7.69
C LYS A 39 13.21 -9.13 8.29
N PRO A 40 13.58 -9.50 9.53
CA PRO A 40 14.71 -8.89 10.23
C PRO A 40 16.05 -9.26 9.60
N SER A 41 16.94 -8.28 9.48
CA SER A 41 18.25 -8.50 8.91
C SER A 41 19.36 -8.15 9.90
N GLY A 42 20.26 -9.09 10.14
CA GLY A 42 21.34 -8.86 11.07
C GLY A 42 20.87 -8.73 12.50
N PRO A 43 21.75 -9.07 13.46
CA PRO A 43 21.43 -9.00 14.88
C PRO A 43 21.31 -7.56 15.38
N SER A 44 21.46 -6.60 14.46
CA SER A 44 21.36 -5.19 14.81
C SER A 44 19.90 -4.78 14.98
N SER A 45 19.42 -4.81 16.22
CA SER A 45 18.04 -4.45 16.52
C SER A 45 18.00 -3.34 17.57
N GLY A 46 18.00 -2.10 17.12
CA GLY A 46 17.96 -0.97 18.03
C GLY A 46 16.70 -0.98 18.89
ZN ZN B . 1.51 -1.90 -0.05
N GLY A 1 -15.04 0.79 -21.58
CA GLY A 1 -15.78 -0.34 -21.07
C GLY A 1 -17.28 -0.15 -21.18
N SER A 2 -18.02 -1.26 -21.19
CA SER A 2 -19.47 -1.21 -21.29
C SER A 2 -20.09 -0.75 -19.98
N SER A 3 -19.72 -1.40 -18.89
CA SER A 3 -20.25 -1.07 -17.57
C SER A 3 -19.24 -1.40 -16.48
N GLY A 4 -19.42 -0.80 -15.31
CA GLY A 4 -18.52 -1.05 -14.20
C GLY A 4 -18.06 0.23 -13.54
N SER A 5 -18.26 0.32 -12.23
CA SER A 5 -17.86 1.51 -11.47
C SER A 5 -17.11 1.12 -10.20
N SER A 6 -15.79 1.17 -10.27
CA SER A 6 -14.95 0.81 -9.12
C SER A 6 -14.15 2.01 -8.65
N GLY A 7 -14.80 3.18 -8.58
CA GLY A 7 -14.12 4.38 -8.15
C GLY A 7 -15.07 5.38 -7.52
N THR A 8 -15.86 4.93 -6.55
CA THR A 8 -16.81 5.79 -5.87
C THR A 8 -16.33 6.16 -4.48
N GLY A 9 -15.70 5.20 -3.79
CA GLY A 9 -15.20 5.44 -2.46
C GLY A 9 -13.72 5.77 -2.44
N GLN A 10 -13.25 6.32 -1.33
CA GLN A 10 -11.85 6.68 -1.19
C GLN A 10 -11.44 6.75 0.27
N ARG A 11 -10.26 6.21 0.58
CA ARG A 11 -9.76 6.20 1.95
C ARG A 11 -8.67 7.25 2.13
N PRO A 12 -8.63 7.87 3.32
CA PRO A 12 -7.64 8.91 3.64
C PRO A 12 -6.24 8.33 3.81
N TYR A 13 -6.16 7.03 4.03
CA TYR A 13 -4.88 6.36 4.20
C TYR A 13 -4.70 5.26 3.16
N GLU A 14 -3.99 5.57 2.09
CA GLU A 14 -3.74 4.61 1.03
C GLU A 14 -2.24 4.37 0.84
N CYS A 15 -1.90 3.19 0.35
CA CYS A 15 -0.50 2.83 0.12
C CYS A 15 -0.08 3.14 -1.31
N ILE A 16 0.86 4.06 -1.47
CA ILE A 16 1.35 4.45 -2.78
C ILE A 16 2.52 3.56 -3.21
N GLU A 17 2.35 2.26 -3.05
CA GLU A 17 3.38 1.30 -3.44
C GLU A 17 2.80 0.18 -4.30
N CYS A 18 1.73 -0.42 -3.82
CA CYS A 18 1.07 -1.51 -4.54
C CYS A 18 -0.32 -1.10 -5.00
N GLY A 19 -1.08 -0.49 -4.10
CA GLY A 19 -2.43 -0.06 -4.43
C GLY A 19 -3.47 -0.62 -3.47
N LYS A 20 -3.35 -0.26 -2.20
CA LYS A 20 -4.29 -0.73 -1.19
C LYS A 20 -4.70 0.40 -0.27
N ALA A 21 -5.95 0.37 0.19
CA ALA A 21 -6.46 1.40 1.09
C ALA A 21 -6.75 0.83 2.47
N PHE A 22 -6.55 1.65 3.49
CA PHE A 22 -6.78 1.22 4.88
C PHE A 22 -7.66 2.23 5.62
N LYS A 23 -8.43 1.74 6.59
CA LYS A 23 -9.30 2.60 7.36
C LYS A 23 -8.49 3.50 8.30
N THR A 24 -7.58 2.90 9.04
CA THR A 24 -6.72 3.65 9.97
C THR A 24 -5.28 3.68 9.50
N LYS A 25 -4.67 4.86 9.56
CA LYS A 25 -3.29 5.03 9.14
C LYS A 25 -2.39 3.97 9.77
N SER A 26 -2.53 3.80 11.09
CA SER A 26 -1.73 2.82 11.82
C SER A 26 -1.66 1.50 11.06
N SER A 27 -2.83 0.98 10.68
CA SER A 27 -2.89 -0.28 9.95
C SER A 27 -2.12 -0.20 8.64
N LEU A 28 -2.17 0.96 8.00
CA LEU A 28 -1.47 1.18 6.74
C LEU A 28 0.04 1.20 6.95
N ILE A 29 0.51 2.12 7.79
CA ILE A 29 1.93 2.24 8.08
C ILE A 29 2.57 0.87 8.24
N CYS A 30 1.89 -0.01 8.96
CA CYS A 30 2.40 -1.37 9.20
C CYS A 30 2.62 -2.09 7.87
N HIS A 31 1.65 -1.97 6.96
CA HIS A 31 1.74 -2.62 5.66
C HIS A 31 2.86 -2.00 4.82
N ARG A 32 3.06 -0.70 4.98
CA ARG A 32 4.09 0.00 4.23
C ARG A 32 5.46 -0.61 4.48
N ARG A 33 5.95 -0.48 5.71
CA ARG A 33 7.25 -1.02 6.08
C ARG A 33 7.32 -2.52 5.79
N SER A 34 6.20 -3.20 5.93
CA SER A 34 6.13 -4.63 5.67
C SER A 34 6.69 -4.97 4.29
N HIS A 35 6.35 -4.14 3.31
CA HIS A 35 6.82 -4.33 1.94
C HIS A 35 8.27 -4.79 1.93
N THR A 36 9.15 -3.99 2.54
CA THR A 36 10.57 -4.31 2.60
C THR A 36 11.04 -4.93 1.29
N GLY A 37 10.57 -4.38 0.17
CA GLY A 37 10.96 -4.89 -1.13
C GLY A 37 9.85 -5.70 -1.79
N GLU A 38 9.78 -5.64 -3.11
CA GLU A 38 8.76 -6.37 -3.85
C GLU A 38 9.40 -7.32 -4.85
N LYS A 39 8.61 -8.25 -5.36
CA LYS A 39 9.10 -9.23 -6.33
C LYS A 39 10.44 -9.81 -5.89
N PRO A 40 10.47 -10.35 -4.67
CA PRO A 40 11.69 -10.95 -4.10
C PRO A 40 12.07 -12.26 -4.79
N SER A 41 12.95 -12.16 -5.79
CA SER A 41 13.40 -13.32 -6.54
C SER A 41 13.81 -14.45 -5.58
N GLY A 42 14.83 -14.18 -4.78
CA GLY A 42 15.32 -15.18 -3.84
C GLY A 42 16.26 -16.17 -4.48
N PRO A 43 16.41 -17.35 -3.86
CA PRO A 43 17.28 -18.42 -4.35
C PRO A 43 16.75 -19.05 -5.63
N SER A 44 17.65 -19.68 -6.40
CA SER A 44 17.28 -20.32 -7.65
C SER A 44 16.21 -21.39 -7.40
N SER A 45 16.55 -22.37 -6.59
CA SER A 45 15.63 -23.46 -6.29
C SER A 45 14.29 -22.92 -5.80
N GLY A 46 13.23 -23.22 -6.53
CA GLY A 46 11.91 -22.74 -6.17
C GLY A 46 11.42 -21.63 -7.05
ZN ZN B . 1.32 -1.64 -0.35
N GLY A 1 -28.94 -7.90 -12.84
CA GLY A 1 -30.33 -7.68 -12.47
C GLY A 1 -30.53 -6.39 -11.69
N SER A 2 -30.58 -6.51 -10.37
CA SER A 2 -30.78 -5.35 -9.50
C SER A 2 -29.45 -4.61 -9.29
N SER A 3 -29.45 -3.32 -9.60
CA SER A 3 -28.26 -2.49 -9.45
C SER A 3 -28.62 -1.02 -9.31
N GLY A 4 -28.03 -0.36 -8.32
CA GLY A 4 -28.31 1.05 -8.10
C GLY A 4 -27.90 1.52 -6.72
N SER A 5 -26.63 1.31 -6.38
CA SER A 5 -26.11 1.71 -5.07
C SER A 5 -24.74 2.34 -5.21
N SER A 6 -24.42 3.26 -4.30
CA SER A 6 -23.13 3.94 -4.32
C SER A 6 -22.22 3.41 -3.22
N GLY A 7 -21.51 2.32 -3.52
CA GLY A 7 -20.61 1.72 -2.56
C GLY A 7 -19.15 1.86 -2.96
N THR A 8 -18.45 2.82 -2.37
CA THR A 8 -17.05 3.05 -2.68
C THR A 8 -16.24 3.32 -1.41
N GLY A 9 -15.14 2.62 -1.25
CA GLY A 9 -14.30 2.80 -0.09
C GLY A 9 -13.89 4.25 0.12
N GLN A 10 -13.07 4.76 -0.79
CA GLN A 10 -12.61 6.16 -0.71
C GLN A 10 -11.97 6.43 0.65
N ARG A 11 -11.04 5.56 1.05
CA ARG A 11 -10.37 5.71 2.33
C ARG A 11 -9.34 6.85 2.26
N PRO A 12 -9.19 7.58 3.37
CA PRO A 12 -8.25 8.69 3.47
C PRO A 12 -6.80 8.22 3.47
N TYR A 13 -6.60 6.93 3.72
CA TYR A 13 -5.26 6.37 3.75
C TYR A 13 -5.07 5.34 2.63
N GLU A 14 -4.12 5.61 1.76
CA GLU A 14 -3.83 4.71 0.64
C GLU A 14 -2.33 4.50 0.47
N CYS A 15 -1.94 3.28 0.13
CA CYS A 15 -0.53 2.96 -0.08
C CYS A 15 -0.11 3.20 -1.53
N ILE A 16 0.70 4.24 -1.74
CA ILE A 16 1.17 4.57 -3.07
C ILE A 16 2.38 3.73 -3.45
N GLU A 17 2.33 2.44 -3.13
CA GLU A 17 3.43 1.54 -3.44
C GLU A 17 2.95 0.37 -4.30
N CYS A 18 1.85 -0.24 -3.89
CA CYS A 18 1.29 -1.37 -4.62
C CYS A 18 -0.14 -1.07 -5.07
N GLY A 19 -0.95 -0.54 -4.15
CA GLY A 19 -2.33 -0.22 -4.47
C GLY A 19 -3.31 -0.80 -3.47
N LYS A 20 -3.31 -0.25 -2.26
CA LYS A 20 -4.21 -0.73 -1.21
C LYS A 20 -4.65 0.43 -0.32
N ALA A 21 -5.79 0.24 0.36
CA ALA A 21 -6.32 1.26 1.25
C ALA A 21 -6.57 0.70 2.65
N PHE A 22 -6.50 1.57 3.65
CA PHE A 22 -6.71 1.16 5.04
C PHE A 22 -7.60 2.15 5.76
N LYS A 23 -8.11 1.74 6.92
CA LYS A 23 -8.98 2.59 7.72
C LYS A 23 -8.21 3.73 8.36
N THR A 24 -7.12 3.39 9.05
CA THR A 24 -6.28 4.38 9.71
C THR A 24 -4.81 4.11 9.46
N LYS A 25 -3.97 5.11 9.70
CA LYS A 25 -2.53 4.98 9.50
C LYS A 25 -1.99 3.73 10.20
N SER A 26 -2.26 3.63 11.49
CA SER A 26 -1.80 2.49 12.27
C SER A 26 -1.81 1.21 11.45
N SER A 27 -2.87 1.03 10.66
CA SER A 27 -3.02 -0.14 9.81
C SER A 27 -2.14 -0.02 8.57
N LEU A 28 -2.29 1.08 7.85
CA LEU A 28 -1.51 1.32 6.64
C LEU A 28 -0.02 1.17 6.92
N ILE A 29 0.49 1.97 7.85
CA ILE A 29 1.90 1.92 8.21
C ILE A 29 2.40 0.49 8.28
N CYS A 30 1.70 -0.34 9.05
CA CYS A 30 2.08 -1.74 9.20
C CYS A 30 2.28 -2.40 7.85
N HIS A 31 1.49 -1.97 6.86
CA HIS A 31 1.59 -2.53 5.52
C HIS A 31 2.67 -1.82 4.71
N ARG A 32 3.07 -0.64 5.18
CA ARG A 32 4.10 0.14 4.50
C ARG A 32 5.49 -0.38 4.83
N ARG A 33 5.70 -0.71 6.10
CA ARG A 33 6.99 -1.22 6.55
C ARG A 33 7.22 -2.64 6.05
N SER A 34 6.14 -3.43 5.99
CA SER A 34 6.23 -4.81 5.55
C SER A 34 6.87 -4.88 4.16
N HIS A 35 6.49 -3.96 3.29
CA HIS A 35 7.03 -3.92 1.93
C HIS A 35 8.51 -4.24 1.93
N THR A 36 9.25 -3.63 2.86
CA THR A 36 10.68 -3.85 2.97
C THR A 36 11.00 -4.99 3.93
N GLY A 37 11.30 -6.15 3.36
CA GLY A 37 11.62 -7.31 4.18
C GLY A 37 11.16 -8.62 3.55
N GLU A 38 9.87 -8.92 3.70
CA GLU A 38 9.31 -10.14 3.14
C GLU A 38 9.48 -10.19 1.63
N LYS A 39 10.54 -10.84 1.18
CA LYS A 39 10.81 -10.95 -0.25
C LYS A 39 11.66 -12.18 -0.55
N PRO A 40 11.40 -12.82 -1.69
CA PRO A 40 12.13 -14.02 -2.12
C PRO A 40 13.58 -13.72 -2.50
N SER A 41 14.52 -14.26 -1.74
CA SER A 41 15.93 -14.04 -2.00
C SER A 41 16.79 -15.03 -1.21
N GLY A 42 18.00 -15.29 -1.69
CA GLY A 42 18.90 -16.20 -1.02
C GLY A 42 20.16 -15.53 -0.54
N PRO A 43 20.09 -14.89 0.64
CA PRO A 43 21.24 -14.20 1.22
C PRO A 43 22.32 -15.16 1.71
N SER A 44 22.10 -16.44 1.47
CA SER A 44 23.06 -17.47 1.88
C SER A 44 24.24 -17.53 0.93
N SER A 45 24.81 -16.37 0.62
CA SER A 45 25.94 -16.28 -0.29
C SER A 45 25.78 -17.25 -1.44
N GLY A 46 24.60 -17.27 -2.05
CA GLY A 46 24.34 -18.17 -3.16
C GLY A 46 23.14 -17.76 -3.97
ZN ZN B . 1.63 -1.33 -0.54
N GLY A 1 -29.55 -3.93 -6.28
CA GLY A 1 -29.16 -5.30 -6.00
C GLY A 1 -28.44 -5.95 -7.16
N SER A 2 -27.22 -5.50 -7.44
CA SER A 2 -26.43 -6.04 -8.53
C SER A 2 -25.05 -6.48 -8.05
N SER A 3 -24.34 -7.24 -8.89
CA SER A 3 -23.02 -7.73 -8.54
C SER A 3 -22.12 -6.58 -8.09
N GLY A 4 -22.07 -5.52 -8.89
CA GLY A 4 -21.24 -4.37 -8.56
C GLY A 4 -21.98 -3.35 -7.71
N SER A 5 -21.35 -2.91 -6.64
CA SER A 5 -21.96 -1.93 -5.74
C SER A 5 -20.94 -1.39 -4.74
N SER A 6 -20.78 -0.07 -4.72
CA SER A 6 -19.82 0.56 -3.81
C SER A 6 -18.44 -0.06 -3.96
N GLY A 7 -18.03 -0.31 -5.20
CA GLY A 7 -16.73 -0.91 -5.45
C GLY A 7 -15.77 0.07 -6.11
N THR A 8 -15.47 1.16 -5.41
CA THR A 8 -14.56 2.17 -5.92
C THR A 8 -13.29 2.25 -5.09
N GLY A 9 -13.46 2.24 -3.77
CA GLY A 9 -12.32 2.31 -2.89
C GLY A 9 -11.96 3.75 -2.52
N GLN A 10 -12.74 4.34 -1.62
CA GLN A 10 -12.50 5.71 -1.19
C GLN A 10 -12.13 5.76 0.29
N ARG A 11 -10.84 5.73 0.57
CA ARG A 11 -10.36 5.77 1.95
C ARG A 11 -9.37 6.92 2.14
N PRO A 12 -9.32 7.46 3.37
CA PRO A 12 -8.42 8.56 3.72
C PRO A 12 -6.96 8.14 3.73
N TYR A 13 -6.73 6.84 3.88
CA TYR A 13 -5.36 6.31 3.92
C TYR A 13 -5.20 5.19 2.89
N GLU A 14 -4.28 5.39 1.94
CA GLU A 14 -4.02 4.40 0.91
C GLU A 14 -2.53 4.26 0.66
N CYS A 15 -2.09 3.04 0.35
CA CYS A 15 -0.68 2.76 0.09
C CYS A 15 -0.33 3.04 -1.37
N ILE A 16 0.87 3.55 -1.59
CA ILE A 16 1.33 3.87 -2.94
C ILE A 16 2.27 2.79 -3.47
N GLU A 17 3.07 2.22 -2.58
CA GLU A 17 4.02 1.18 -2.95
C GLU A 17 3.37 0.17 -3.88
N CYS A 18 2.22 -0.34 -3.47
CA CYS A 18 1.49 -1.33 -4.28
C CYS A 18 0.17 -0.76 -4.76
N GLY A 19 -0.55 -0.09 -3.86
CA GLY A 19 -1.82 0.50 -4.22
C GLY A 19 -2.99 -0.14 -3.47
N LYS A 20 -3.07 0.12 -2.17
CA LYS A 20 -4.13 -0.43 -1.35
C LYS A 20 -4.79 0.65 -0.51
N ALA A 21 -5.80 0.26 0.27
CA ALA A 21 -6.52 1.20 1.13
C ALA A 21 -6.70 0.64 2.53
N PHE A 22 -6.62 1.51 3.53
CA PHE A 22 -6.78 1.09 4.92
C PHE A 22 -7.72 2.03 5.66
N LYS A 23 -8.11 1.64 6.86
CA LYS A 23 -9.01 2.45 7.68
C LYS A 23 -8.28 3.66 8.26
N THR A 24 -7.16 3.40 8.92
CA THR A 24 -6.36 4.48 9.52
C THR A 24 -4.88 4.30 9.19
N LYS A 25 -4.06 5.19 9.76
CA LYS A 25 -2.62 5.13 9.54
C LYS A 25 -2.00 3.94 10.27
N SER A 26 -2.47 3.69 11.49
CA SER A 26 -1.96 2.58 12.28
C SER A 26 -1.87 1.31 11.45
N SER A 27 -2.90 1.05 10.65
CA SER A 27 -2.94 -0.14 9.82
C SER A 27 -2.01 0.02 8.61
N LEU A 28 -2.21 1.10 7.86
CA LEU A 28 -1.39 1.37 6.68
C LEU A 28 0.09 1.36 7.04
N ILE A 29 0.51 2.28 7.89
CA ILE A 29 1.89 2.38 8.31
C ILE A 29 2.53 1.00 8.40
N CYS A 30 1.92 0.12 9.18
CA CYS A 30 2.44 -1.23 9.36
C CYS A 30 2.61 -1.93 8.01
N HIS A 31 1.58 -1.86 7.18
CA HIS A 31 1.62 -2.49 5.87
C HIS A 31 2.77 -1.91 5.02
N ARG A 32 2.82 -0.59 4.95
CA ARG A 32 3.87 0.09 4.19
C ARG A 32 5.20 -0.63 4.33
N ARG A 33 5.61 -0.86 5.59
CA ARG A 33 6.87 -1.54 5.86
C ARG A 33 6.92 -2.90 5.17
N SER A 34 5.77 -3.58 5.14
CA SER A 34 5.69 -4.90 4.53
C SER A 34 6.52 -4.96 3.26
N HIS A 35 6.68 -3.81 2.60
CA HIS A 35 7.46 -3.73 1.37
C HIS A 35 8.94 -3.58 1.67
N THR A 36 9.46 -4.44 2.54
CA THR A 36 10.86 -4.39 2.92
C THR A 36 11.77 -4.55 1.70
N GLY A 37 11.49 -5.57 0.89
CA GLY A 37 12.29 -5.81 -0.30
C GLY A 37 11.45 -6.24 -1.49
N GLU A 38 10.83 -5.27 -2.15
CA GLU A 38 9.99 -5.55 -3.31
C GLU A 38 10.82 -6.06 -4.47
N LYS A 39 10.38 -7.16 -5.07
CA LYS A 39 11.08 -7.76 -6.21
C LYS A 39 10.12 -8.06 -7.35
N PRO A 40 9.79 -7.04 -8.14
CA PRO A 40 8.88 -7.18 -9.28
C PRO A 40 9.49 -7.99 -10.42
N SER A 41 8.67 -8.32 -11.41
CA SER A 41 9.13 -9.08 -12.56
C SER A 41 9.65 -8.17 -13.66
N GLY A 42 10.87 -7.68 -13.49
CA GLY A 42 11.46 -6.80 -14.48
C GLY A 42 10.65 -5.53 -14.68
N PRO A 43 11.35 -4.43 -14.96
CA PRO A 43 10.70 -3.13 -15.19
C PRO A 43 9.92 -3.09 -16.50
N SER A 44 10.07 -4.14 -17.30
CA SER A 44 9.37 -4.23 -18.58
C SER A 44 7.91 -3.86 -18.43
N SER A 45 7.36 -3.21 -19.45
CA SER A 45 5.96 -2.80 -19.44
C SER A 45 5.12 -3.71 -20.32
N GLY A 46 3.80 -3.49 -20.31
CA GLY A 46 2.91 -4.29 -21.12
C GLY A 46 1.45 -4.04 -20.80
ZN ZN B . 1.57 -1.47 -0.20
N GLY A 1 2.30 -7.42 -10.64
CA GLY A 1 1.11 -7.10 -9.86
C GLY A 1 0.33 -5.93 -10.45
N SER A 2 0.66 -4.73 -10.00
CA SER A 2 -0.03 -3.52 -10.48
C SER A 2 -1.54 -3.66 -10.32
N SER A 3 -1.96 -4.10 -9.13
CA SER A 3 -3.37 -4.27 -8.85
C SER A 3 -3.87 -3.20 -7.89
N GLY A 4 -3.41 -1.97 -8.09
CA GLY A 4 -3.82 -0.86 -7.24
C GLY A 4 -4.58 0.20 -7.99
N SER A 5 -5.88 0.01 -8.14
CA SER A 5 -6.72 0.98 -8.86
C SER A 5 -6.51 2.38 -8.31
N SER A 6 -6.42 3.35 -9.21
CA SER A 6 -6.22 4.75 -8.83
C SER A 6 -7.54 5.52 -8.87
N GLY A 7 -7.62 6.58 -8.07
CA GLY A 7 -8.83 7.38 -8.03
C GLY A 7 -9.87 6.82 -7.09
N THR A 8 -10.95 7.57 -6.87
CA THR A 8 -12.02 7.14 -5.99
C THR A 8 -11.46 6.65 -4.66
N GLY A 9 -10.48 7.37 -4.12
CA GLY A 9 -9.88 6.99 -2.86
C GLY A 9 -10.78 7.29 -1.67
N GLN A 10 -11.74 6.40 -1.44
CA GLN A 10 -12.67 6.58 -0.33
C GLN A 10 -11.93 6.71 1.00
N ARG A 11 -11.10 5.72 1.31
CA ARG A 11 -10.33 5.71 2.55
C ARG A 11 -9.32 6.86 2.55
N PRO A 12 -9.15 7.49 3.73
CA PRO A 12 -8.22 8.61 3.90
C PRO A 12 -6.76 8.17 3.82
N TYR A 13 -6.50 6.93 4.21
CA TYR A 13 -5.15 6.38 4.18
C TYR A 13 -5.00 5.35 3.06
N GLU A 14 -4.14 5.65 2.09
CA GLU A 14 -3.91 4.75 0.97
C GLU A 14 -2.42 4.49 0.79
N CYS A 15 -2.09 3.44 0.04
CA CYS A 15 -0.70 3.08 -0.22
C CYS A 15 -0.33 3.35 -1.67
N ILE A 16 0.96 3.52 -1.93
CA ILE A 16 1.45 3.78 -3.28
C ILE A 16 2.26 2.61 -3.81
N GLU A 17 3.08 2.02 -2.93
CA GLU A 17 3.91 0.90 -3.31
C GLU A 17 3.12 -0.13 -4.12
N CYS A 18 2.05 -0.65 -3.51
CA CYS A 18 1.21 -1.63 -4.17
C CYS A 18 -0.12 -1.01 -4.59
N GLY A 19 -0.68 -0.18 -3.73
CA GLY A 19 -1.95 0.46 -4.02
C GLY A 19 -3.11 -0.15 -3.26
N LYS A 20 -3.26 0.24 -2.00
CA LYS A 20 -4.34 -0.27 -1.17
C LYS A 20 -4.87 0.81 -0.24
N ALA A 21 -6.13 0.67 0.16
CA ALA A 21 -6.76 1.64 1.05
C ALA A 21 -7.05 1.03 2.42
N PHE A 22 -6.69 1.75 3.47
CA PHE A 22 -6.91 1.27 4.83
C PHE A 22 -7.81 2.23 5.60
N LYS A 23 -8.52 1.71 6.60
CA LYS A 23 -9.41 2.52 7.41
C LYS A 23 -8.61 3.40 8.38
N THR A 24 -7.63 2.80 9.05
CA THR A 24 -6.79 3.52 9.99
C THR A 24 -5.35 3.57 9.52
N LYS A 25 -4.75 4.76 9.58
CA LYS A 25 -3.37 4.94 9.17
C LYS A 25 -2.46 3.92 9.85
N SER A 26 -2.71 3.67 11.13
CA SER A 26 -1.91 2.72 11.89
C SER A 26 -1.70 1.43 11.10
N SER A 27 -2.75 0.98 10.42
CA SER A 27 -2.69 -0.24 9.62
C SER A 27 -1.79 -0.04 8.39
N LEU A 28 -1.91 1.12 7.76
CA LEU A 28 -1.13 1.44 6.58
C LEU A 28 0.36 1.54 6.92
N ILE A 29 0.68 2.40 7.88
CA ILE A 29 2.06 2.58 8.30
C ILE A 29 2.77 1.24 8.46
N CYS A 30 2.12 0.31 9.14
CA CYS A 30 2.69 -1.03 9.37
C CYS A 30 2.81 -1.79 8.06
N HIS A 31 1.78 -1.71 7.23
CA HIS A 31 1.78 -2.39 5.94
C HIS A 31 2.94 -1.91 5.06
N ARG A 32 3.17 -0.60 5.08
CA ARG A 32 4.24 0.00 4.29
C ARG A 32 5.56 -0.73 4.53
N ARG A 33 5.87 -0.96 5.79
CA ARG A 33 7.11 -1.64 6.17
C ARG A 33 7.18 -3.03 5.53
N SER A 34 6.05 -3.74 5.54
CA SER A 34 5.99 -5.07 4.97
C SER A 34 6.72 -5.13 3.63
N HIS A 35 6.34 -4.24 2.72
CA HIS A 35 6.95 -4.18 1.40
C HIS A 35 8.46 -4.42 1.49
N THR A 36 9.15 -3.53 2.20
CA THR A 36 10.59 -3.64 2.36
C THR A 36 10.95 -4.79 3.29
N GLY A 37 12.09 -5.42 3.02
CA GLY A 37 12.53 -6.54 3.85
C GLY A 37 13.23 -7.61 3.04
N GLU A 38 13.98 -7.19 2.03
CA GLU A 38 14.70 -8.14 1.18
C GLU A 38 16.01 -7.52 0.67
N LYS A 39 17.09 -8.29 0.76
CA LYS A 39 18.39 -7.81 0.31
C LYS A 39 18.38 -7.50 -1.18
N PRO A 40 19.12 -6.46 -1.59
CA PRO A 40 19.21 -6.04 -2.99
C PRO A 40 19.98 -7.04 -3.84
N SER A 41 19.43 -7.37 -5.00
CA SER A 41 20.07 -8.32 -5.91
C SER A 41 21.57 -8.05 -6.01
N GLY A 42 22.32 -9.07 -6.42
CA GLY A 42 23.76 -8.93 -6.54
C GLY A 42 24.51 -10.03 -5.82
N PRO A 43 25.78 -9.76 -5.50
CA PRO A 43 26.64 -10.73 -4.81
C PRO A 43 26.21 -10.95 -3.36
N SER A 44 25.47 -12.03 -3.13
CA SER A 44 24.99 -12.36 -1.79
C SER A 44 26.04 -13.15 -1.01
N SER A 45 26.22 -12.79 0.25
CA SER A 45 27.21 -13.46 1.10
C SER A 45 27.05 -13.02 2.55
N GLY A 46 27.32 -13.94 3.48
CA GLY A 46 27.20 -13.63 4.89
C GLY A 46 26.59 -14.76 5.68
ZN ZN B . 1.36 -1.31 -0.24
N GLY A 1 -3.44 12.66 -19.77
CA GLY A 1 -2.27 11.94 -20.19
C GLY A 1 -1.51 11.33 -19.03
N SER A 2 -0.44 12.00 -18.61
CA SER A 2 0.38 11.53 -17.51
C SER A 2 0.23 12.44 -16.29
N SER A 3 -0.98 12.51 -15.77
CA SER A 3 -1.25 13.36 -14.60
C SER A 3 -1.16 12.54 -13.32
N GLY A 4 -0.04 11.84 -13.15
CA GLY A 4 0.15 11.02 -11.96
C GLY A 4 -0.90 9.93 -11.82
N SER A 5 -0.80 9.15 -10.75
CA SER A 5 -1.74 8.06 -10.51
C SER A 5 -2.00 7.89 -9.01
N SER A 6 -2.85 6.92 -8.68
CA SER A 6 -3.18 6.65 -7.29
C SER A 6 -4.08 5.42 -7.17
N GLY A 7 -3.96 4.70 -6.06
CA GLY A 7 -4.77 3.52 -5.85
C GLY A 7 -6.25 3.81 -5.90
N THR A 8 -6.89 3.88 -4.74
CA THR A 8 -8.32 4.16 -4.67
C THR A 8 -8.59 5.61 -4.32
N GLY A 9 -7.85 6.12 -3.34
CA GLY A 9 -8.03 7.50 -2.93
C GLY A 9 -9.18 7.69 -1.97
N GLN A 10 -10.26 6.96 -2.20
CA GLN A 10 -11.44 7.05 -1.34
C GLN A 10 -11.05 7.24 0.11
N ARG A 11 -10.11 6.43 0.57
CA ARG A 11 -9.63 6.52 1.95
C ARG A 11 -8.42 7.43 2.05
N PRO A 12 -8.33 8.18 3.17
CA PRO A 12 -7.22 9.11 3.41
C PRO A 12 -5.91 8.39 3.69
N TYR A 13 -6.01 7.13 4.15
CA TYR A 13 -4.83 6.34 4.46
C TYR A 13 -4.71 5.16 3.49
N GLU A 14 -4.01 5.38 2.38
CA GLU A 14 -3.82 4.34 1.38
C GLU A 14 -2.35 4.26 0.96
N CYS A 15 -2.00 3.17 0.28
CA CYS A 15 -0.63 2.96 -0.18
C CYS A 15 -0.51 3.26 -1.67
N ILE A 16 0.73 3.47 -2.12
CA ILE A 16 0.98 3.76 -3.53
C ILE A 16 1.88 2.70 -4.15
N GLU A 17 2.73 2.08 -3.33
CA GLU A 17 3.64 1.05 -3.80
C GLU A 17 2.88 -0.01 -4.59
N CYS A 18 1.90 -0.64 -3.96
CA CYS A 18 1.10 -1.68 -4.60
C CYS A 18 -0.28 -1.15 -4.97
N GLY A 19 -0.94 -0.50 -4.02
CA GLY A 19 -2.26 0.05 -4.26
C GLY A 19 -3.32 -0.53 -3.35
N LYS A 20 -3.26 -0.15 -2.08
CA LYS A 20 -4.21 -0.65 -1.09
C LYS A 20 -4.63 0.47 -0.13
N ALA A 21 -5.93 0.68 0.00
CA ALA A 21 -6.46 1.71 0.88
C ALA A 21 -6.84 1.12 2.24
N PHE A 22 -6.73 1.94 3.28
CA PHE A 22 -7.07 1.51 4.63
C PHE A 22 -7.96 2.53 5.33
N LYS A 23 -8.47 2.15 6.49
CA LYS A 23 -9.35 3.03 7.27
C LYS A 23 -8.59 3.67 8.41
N THR A 24 -7.47 3.07 8.80
CA THR A 24 -6.66 3.59 9.89
C THR A 24 -5.18 3.61 9.51
N LYS A 25 -4.54 4.76 9.71
CA LYS A 25 -3.13 4.90 9.39
C LYS A 25 -2.31 3.74 9.95
N SER A 26 -2.28 3.63 11.28
CA SER A 26 -1.54 2.56 11.94
C SER A 26 -1.59 1.27 11.12
N SER A 27 -2.80 0.74 10.96
CA SER A 27 -2.99 -0.49 10.20
C SER A 27 -2.22 -0.44 8.88
N LEU A 28 -2.24 0.73 8.24
CA LEU A 28 -1.55 0.90 6.97
C LEU A 28 -0.04 0.98 7.17
N ILE A 29 0.37 1.51 8.32
CA ILE A 29 1.79 1.64 8.65
C ILE A 29 2.50 0.30 8.51
N CYS A 30 1.97 -0.72 9.16
CA CYS A 30 2.56 -2.06 9.10
C CYS A 30 2.74 -2.52 7.66
N HIS A 31 1.76 -2.19 6.82
CA HIS A 31 1.81 -2.57 5.41
C HIS A 31 2.87 -1.76 4.66
N ARG A 32 2.87 -0.45 4.87
CA ARG A 32 3.83 0.43 4.22
C ARG A 32 5.26 0.07 4.61
N ARG A 33 5.54 0.09 5.92
CA ARG A 33 6.86 -0.24 6.42
C ARG A 33 7.23 -1.68 6.08
N SER A 34 6.24 -2.56 6.07
CA SER A 34 6.46 -3.96 5.76
C SER A 34 7.11 -4.12 4.39
N HIS A 35 6.57 -3.40 3.40
CA HIS A 35 7.10 -3.46 2.04
C HIS A 35 8.61 -3.65 2.05
N THR A 36 9.29 -2.89 2.91
CA THR A 36 10.74 -2.97 3.02
C THR A 36 11.16 -3.92 4.13
N GLY A 37 11.40 -5.18 3.77
CA GLY A 37 11.81 -6.17 4.75
C GLY A 37 13.01 -6.97 4.29
N GLU A 38 13.96 -6.30 3.65
CA GLU A 38 15.17 -6.97 3.15
C GLU A 38 16.18 -5.95 2.63
N LYS A 39 17.43 -6.11 3.04
CA LYS A 39 18.49 -5.20 2.62
C LYS A 39 19.22 -5.75 1.39
N PRO A 40 19.62 -4.85 0.48
CA PRO A 40 20.33 -5.22 -0.74
C PRO A 40 21.74 -5.72 -0.46
N SER A 41 22.18 -5.58 0.79
CA SER A 41 23.51 -6.03 1.18
C SER A 41 23.44 -7.00 2.36
N GLY A 42 22.51 -7.94 2.27
CA GLY A 42 22.36 -8.92 3.33
C GLY A 42 21.78 -8.32 4.60
N PRO A 43 21.40 -9.18 5.54
CA PRO A 43 20.82 -8.75 6.83
C PRO A 43 21.86 -8.07 7.72
N SER A 44 21.44 -7.74 8.94
CA SER A 44 22.31 -7.07 9.90
C SER A 44 23.04 -8.10 10.78
N SER A 45 22.25 -8.87 11.53
CA SER A 45 22.81 -9.88 12.41
C SER A 45 22.52 -11.28 11.89
N GLY A 46 23.51 -12.16 12.00
CA GLY A 46 23.34 -13.53 11.53
C GLY A 46 21.99 -14.10 11.89
ZN ZN B . 1.49 -1.32 -0.63
N GLY A 1 -7.93 20.03 -21.45
CA GLY A 1 -7.66 18.61 -21.31
C GLY A 1 -8.70 17.89 -20.48
N SER A 2 -9.37 16.92 -21.07
CA SER A 2 -10.40 16.15 -20.39
C SER A 2 -9.82 14.89 -19.76
N SER A 3 -10.32 14.53 -18.58
CA SER A 3 -9.85 13.34 -17.88
C SER A 3 -10.74 13.03 -16.68
N GLY A 4 -10.48 11.90 -16.04
CA GLY A 4 -11.26 11.50 -14.88
C GLY A 4 -10.45 11.49 -13.60
N SER A 5 -10.75 10.53 -12.72
CA SER A 5 -10.04 10.42 -11.46
C SER A 5 -9.76 8.95 -11.12
N SER A 6 -8.56 8.67 -10.66
CA SER A 6 -8.17 7.30 -10.31
C SER A 6 -7.48 7.27 -8.94
N GLY A 7 -6.52 8.17 -8.74
CA GLY A 7 -5.81 8.23 -7.48
C GLY A 7 -6.75 8.28 -6.29
N THR A 8 -7.76 9.14 -6.37
CA THR A 8 -8.73 9.28 -5.29
C THR A 8 -9.34 7.95 -4.92
N GLY A 9 -9.81 7.84 -3.67
CA GLY A 9 -10.41 6.60 -3.22
C GLY A 9 -11.46 6.84 -2.14
N GLN A 10 -11.68 5.83 -1.30
CA GLN A 10 -12.67 5.92 -0.24
C GLN A 10 -12.01 6.36 1.07
N ARG A 11 -10.92 5.69 1.44
CA ARG A 11 -10.20 6.00 2.66
C ARG A 11 -9.06 6.99 2.39
N PRO A 12 -8.83 7.89 3.35
CA PRO A 12 -7.77 8.90 3.24
C PRO A 12 -6.38 8.29 3.32
N TYR A 13 -6.29 7.09 3.89
CA TYR A 13 -5.01 6.40 4.03
C TYR A 13 -4.87 5.30 2.99
N GLU A 14 -3.96 5.48 2.05
CA GLU A 14 -3.72 4.50 1.00
C GLU A 14 -2.24 4.18 0.87
N CYS A 15 -1.93 3.08 0.18
CA CYS A 15 -0.55 2.67 -0.02
C CYS A 15 -0.13 2.82 -1.48
N ILE A 16 0.69 3.83 -1.74
CA ILE A 16 1.17 4.09 -3.09
C ILE A 16 2.13 3.00 -3.56
N GLU A 17 2.66 2.24 -2.61
CA GLU A 17 3.59 1.17 -2.92
C GLU A 17 2.95 0.16 -3.88
N CYS A 18 1.76 -0.32 -3.52
CA CYS A 18 1.05 -1.29 -4.33
C CYS A 18 -0.33 -0.77 -4.72
N GLY A 19 -0.99 -0.12 -3.76
CA GLY A 19 -2.32 0.42 -4.01
C GLY A 19 -3.38 -0.19 -3.11
N LYS A 20 -3.25 0.05 -1.80
CA LYS A 20 -4.20 -0.49 -0.84
C LYS A 20 -4.69 0.59 0.10
N ALA A 21 -5.99 0.56 0.43
CA ALA A 21 -6.58 1.54 1.32
C ALA A 21 -6.83 0.95 2.70
N PHE A 22 -6.68 1.77 3.73
CA PHE A 22 -6.90 1.32 5.11
C PHE A 22 -7.69 2.36 5.90
N LYS A 23 -8.72 1.89 6.60
CA LYS A 23 -9.56 2.77 7.40
C LYS A 23 -8.72 3.58 8.38
N THR A 24 -7.68 2.95 8.91
CA THR A 24 -6.80 3.61 9.87
C THR A 24 -5.35 3.58 9.39
N LYS A 25 -4.76 4.76 9.20
CA LYS A 25 -3.38 4.87 8.75
C LYS A 25 -2.48 3.92 9.53
N SER A 26 -2.84 3.68 10.79
CA SER A 26 -2.06 2.79 11.64
C SER A 26 -1.82 1.45 10.96
N SER A 27 -2.88 0.86 10.44
CA SER A 27 -2.80 -0.43 9.76
C SER A 27 -1.97 -0.32 8.48
N LEU A 28 -1.96 0.87 7.89
CA LEU A 28 -1.21 1.11 6.66
C LEU A 28 0.28 1.21 6.95
N ILE A 29 0.63 1.97 7.99
CA ILE A 29 2.03 2.14 8.38
C ILE A 29 2.77 0.80 8.37
N CYS A 30 2.22 -0.18 9.07
CA CYS A 30 2.82 -1.50 9.14
C CYS A 30 2.93 -2.13 7.76
N HIS A 31 1.89 -1.94 6.95
CA HIS A 31 1.86 -2.48 5.59
C HIS A 31 2.91 -1.80 4.72
N ARG A 32 3.22 -0.54 5.02
CA ARG A 32 4.20 0.21 4.26
C ARG A 32 5.59 -0.37 4.44
N ARG A 33 5.97 -0.63 5.69
CA ARG A 33 7.29 -1.18 6.00
C ARG A 33 7.33 -2.68 5.67
N SER A 34 6.18 -3.33 5.74
CA SER A 34 6.09 -4.75 5.46
C SER A 34 6.65 -5.07 4.08
N HIS A 35 6.24 -4.29 3.08
CA HIS A 35 6.70 -4.48 1.71
C HIS A 35 8.18 -4.89 1.68
N THR A 36 9.03 -4.02 2.23
CA THR A 36 10.46 -4.30 2.27
C THR A 36 10.84 -5.06 3.53
N GLY A 37 10.00 -6.03 3.91
CA GLY A 37 10.27 -6.81 5.10
C GLY A 37 10.85 -8.17 4.76
N GLU A 38 11.83 -8.60 5.57
CA GLU A 38 12.47 -9.89 5.35
C GLU A 38 11.74 -11.00 6.11
N LYS A 39 11.50 -12.11 5.41
CA LYS A 39 10.81 -13.25 6.03
C LYS A 39 11.78 -14.11 6.81
N PRO A 40 11.34 -14.57 7.99
CA PRO A 40 12.16 -15.42 8.87
C PRO A 40 12.36 -16.82 8.29
N SER A 41 13.47 -17.44 8.65
CA SER A 41 13.79 -18.79 8.17
C SER A 41 12.57 -19.70 8.27
N GLY A 42 11.91 -19.68 9.42
CA GLY A 42 10.73 -20.50 9.63
C GLY A 42 10.83 -21.83 8.90
N PRO A 43 10.23 -21.89 7.70
CA PRO A 43 10.23 -23.10 6.88
C PRO A 43 11.61 -23.42 6.31
N SER A 44 11.83 -24.69 5.98
CA SER A 44 13.12 -25.13 5.44
C SER A 44 13.29 -24.64 4.00
N SER A 45 12.33 -25.01 3.15
CA SER A 45 12.37 -24.63 1.74
C SER A 45 12.22 -23.12 1.58
N GLY A 46 13.28 -22.47 1.12
CA GLY A 46 13.24 -21.03 0.94
C GLY A 46 13.04 -20.64 -0.51
ZN ZN B . 1.28 -1.68 -0.34
N GLY A 1 -14.03 12.55 -26.42
CA GLY A 1 -14.20 11.83 -25.16
C GLY A 1 -12.87 11.59 -24.46
N SER A 2 -12.76 12.10 -23.23
CA SER A 2 -11.54 11.95 -22.46
C SER A 2 -11.84 11.40 -21.06
N SER A 3 -11.52 10.13 -20.85
CA SER A 3 -11.77 9.49 -19.57
C SER A 3 -10.46 9.14 -18.88
N GLY A 4 -10.49 9.07 -17.55
CA GLY A 4 -9.30 8.75 -16.79
C GLY A 4 -9.40 9.18 -15.34
N SER A 5 -8.92 10.38 -15.04
CA SER A 5 -8.95 10.91 -13.68
C SER A 5 -10.18 11.78 -13.47
N SER A 6 -11.25 11.18 -12.95
CA SER A 6 -12.49 11.90 -12.69
C SER A 6 -12.80 11.93 -11.21
N GLY A 7 -12.62 10.80 -10.54
CA GLY A 7 -12.88 10.73 -9.12
C GLY A 7 -12.38 9.44 -8.49
N THR A 8 -11.08 9.40 -8.20
CA THR A 8 -10.47 8.22 -7.61
C THR A 8 -9.73 8.57 -6.31
N GLY A 9 -9.65 7.60 -5.40
CA GLY A 9 -8.98 7.83 -4.14
C GLY A 9 -9.85 8.54 -3.13
N GLN A 10 -10.57 7.77 -2.32
CA GLN A 10 -11.45 8.34 -1.31
C GLN A 10 -10.84 8.22 0.08
N ARG A 11 -10.76 7.00 0.58
CA ARG A 11 -10.20 6.75 1.90
C ARG A 11 -9.05 7.71 2.19
N PRO A 12 -8.99 8.19 3.45
CA PRO A 12 -7.96 9.13 3.89
C PRO A 12 -6.58 8.49 3.96
N TYR A 13 -6.53 7.17 3.73
CA TYR A 13 -5.28 6.43 3.77
C TYR A 13 -5.18 5.46 2.60
N GLU A 14 -4.15 5.63 1.78
CA GLU A 14 -3.93 4.77 0.62
C GLU A 14 -2.45 4.46 0.43
N CYS A 15 -2.17 3.34 -0.24
CA CYS A 15 -0.80 2.94 -0.49
C CYS A 15 -0.50 2.88 -1.99
N ILE A 16 0.40 3.74 -2.43
CA ILE A 16 0.77 3.80 -3.84
C ILE A 16 1.72 2.65 -4.20
N GLU A 17 2.63 2.33 -3.28
CA GLU A 17 3.59 1.25 -3.52
C GLU A 17 2.94 0.10 -4.28
N CYS A 18 1.85 -0.41 -3.75
CA CYS A 18 1.13 -1.52 -4.38
C CYS A 18 -0.23 -1.07 -4.89
N GLY A 19 -0.89 -0.20 -4.13
CA GLY A 19 -2.19 0.30 -4.51
C GLY A 19 -3.29 -0.18 -3.58
N LYS A 20 -2.98 -0.24 -2.30
CA LYS A 20 -3.96 -0.68 -1.31
C LYS A 20 -4.59 0.51 -0.59
N ALA A 21 -5.48 0.23 0.35
CA ALA A 21 -6.16 1.28 1.11
C ALA A 21 -6.45 0.83 2.54
N PHE A 22 -6.55 1.78 3.44
CA PHE A 22 -6.83 1.49 4.85
C PHE A 22 -7.71 2.57 5.47
N LYS A 23 -8.30 2.25 6.62
CA LYS A 23 -9.16 3.19 7.32
C LYS A 23 -8.39 3.95 8.39
N THR A 24 -7.30 3.35 8.86
CA THR A 24 -6.47 3.97 9.88
C THR A 24 -4.99 3.70 9.64
N LYS A 25 -4.17 4.71 9.86
CA LYS A 25 -2.72 4.58 9.66
C LYS A 25 -2.18 3.38 10.43
N SER A 26 -2.50 3.31 11.71
CA SER A 26 -2.04 2.21 12.56
C SER A 26 -1.97 0.92 11.76
N SER A 27 -2.90 0.74 10.83
CA SER A 27 -2.96 -0.47 10.01
C SER A 27 -2.04 -0.33 8.80
N LEU A 28 -2.29 0.69 7.98
CA LEU A 28 -1.50 0.92 6.78
C LEU A 28 -0.02 1.01 7.12
N ILE A 29 0.33 1.91 8.03
CA ILE A 29 1.71 2.09 8.45
C ILE A 29 2.44 0.76 8.51
N CYS A 30 1.90 -0.18 9.28
CA CYS A 30 2.49 -1.50 9.43
C CYS A 30 2.75 -2.13 8.06
N HIS A 31 1.79 -2.01 7.16
CA HIS A 31 1.92 -2.57 5.83
C HIS A 31 3.01 -1.85 5.04
N ARG A 32 3.11 -0.54 5.24
CA ARG A 32 4.10 0.27 4.55
C ARG A 32 5.51 -0.25 4.84
N ARG A 33 5.78 -0.53 6.10
CA ARG A 33 7.10 -1.02 6.50
C ARG A 33 7.34 -2.42 5.93
N SER A 34 6.29 -3.23 5.87
CA SER A 34 6.40 -4.58 5.36
C SER A 34 7.10 -4.59 4.00
N HIS A 35 6.65 -3.73 3.10
CA HIS A 35 7.24 -3.63 1.77
C HIS A 35 8.76 -3.84 1.82
N THR A 36 9.45 -2.96 2.55
CA THR A 36 10.89 -3.05 2.69
C THR A 36 11.31 -4.39 3.27
N GLY A 37 12.54 -4.79 2.99
CA GLY A 37 13.05 -6.05 3.50
C GLY A 37 12.77 -7.22 2.56
N GLU A 38 12.97 -6.97 1.26
CA GLU A 38 12.74 -8.01 0.25
C GLU A 38 13.82 -7.96 -0.83
N LYS A 39 14.13 -9.12 -1.39
CA LYS A 39 15.14 -9.21 -2.44
C LYS A 39 14.62 -10.00 -3.63
N PRO A 40 15.01 -9.57 -4.84
CA PRO A 40 14.58 -10.22 -6.09
C PRO A 40 15.22 -11.61 -6.26
N SER A 41 14.44 -12.65 -6.01
CA SER A 41 14.92 -14.02 -6.14
C SER A 41 14.77 -14.51 -7.57
N GLY A 42 15.81 -14.28 -8.38
CA GLY A 42 15.77 -14.72 -9.77
C GLY A 42 14.93 -13.81 -10.63
N PRO A 43 14.57 -14.30 -11.83
CA PRO A 43 13.75 -13.53 -12.78
C PRO A 43 12.32 -13.37 -12.31
N SER A 44 11.53 -12.60 -13.07
CA SER A 44 10.14 -12.36 -12.73
C SER A 44 9.20 -13.07 -13.71
N SER A 45 8.98 -14.36 -13.46
CA SER A 45 8.11 -15.15 -14.32
C SER A 45 6.82 -15.53 -13.60
N GLY A 46 5.74 -14.83 -13.91
CA GLY A 46 4.46 -15.10 -13.28
C GLY A 46 3.34 -14.27 -13.86
ZN ZN B . 1.59 -1.19 -0.36
N GLY A 1 -9.88 2.35 -15.48
CA GLY A 1 -10.01 2.16 -14.05
C GLY A 1 -10.98 3.15 -13.43
N SER A 2 -10.46 4.06 -12.62
CA SER A 2 -11.28 5.06 -11.96
C SER A 2 -11.37 6.34 -12.78
N SER A 3 -12.59 6.78 -13.08
CA SER A 3 -12.79 7.99 -13.87
C SER A 3 -13.02 9.20 -12.96
N GLY A 4 -11.99 10.04 -12.86
CA GLY A 4 -12.09 11.23 -12.02
C GLY A 4 -11.59 10.98 -10.61
N SER A 5 -11.93 11.88 -9.70
CA SER A 5 -11.50 11.77 -8.30
C SER A 5 -12.45 10.87 -7.52
N SER A 6 -11.89 9.91 -6.79
CA SER A 6 -12.68 8.98 -6.00
C SER A 6 -13.19 9.66 -4.72
N GLY A 7 -14.02 8.94 -3.98
CA GLY A 7 -14.55 9.49 -2.73
C GLY A 7 -13.54 9.47 -1.61
N THR A 8 -12.74 10.53 -1.52
CA THR A 8 -11.72 10.64 -0.49
C THR A 8 -12.31 11.23 0.79
N GLY A 9 -12.26 10.45 1.87
CA GLY A 9 -12.79 10.91 3.15
C GLY A 9 -12.82 9.81 4.18
N GLN A 10 -13.38 8.67 3.82
CA GLN A 10 -13.48 7.54 4.74
C GLN A 10 -12.13 6.84 4.89
N ARG A 11 -11.47 6.58 3.76
CA ARG A 11 -10.17 5.92 3.76
C ARG A 11 -9.10 6.83 3.17
N PRO A 12 -8.73 7.87 3.94
CA PRO A 12 -7.70 8.83 3.51
C PRO A 12 -6.30 8.22 3.48
N TYR A 13 -6.18 6.99 4.00
CA TYR A 13 -4.91 6.30 4.03
C TYR A 13 -4.79 5.31 2.86
N GLU A 14 -4.00 5.68 1.86
CA GLU A 14 -3.80 4.83 0.69
C GLU A 14 -2.31 4.60 0.43
N CYS A 15 -1.98 3.41 -0.08
CA CYS A 15 -0.61 3.06 -0.37
C CYS A 15 -0.30 3.23 -1.86
N ILE A 16 0.92 3.67 -2.16
CA ILE A 16 1.33 3.88 -3.54
C ILE A 16 2.19 2.72 -4.04
N GLU A 17 2.84 2.02 -3.10
CA GLU A 17 3.70 0.90 -3.44
C GLU A 17 2.93 -0.13 -4.27
N CYS A 18 1.92 -0.75 -3.66
CA CYS A 18 1.11 -1.75 -4.35
C CYS A 18 -0.23 -1.17 -4.79
N GLY A 19 -0.90 -0.48 -3.88
CA GLY A 19 -2.17 0.12 -4.19
C GLY A 19 -3.29 -0.39 -3.30
N LYS A 20 -3.14 -0.21 -1.99
CA LYS A 20 -4.13 -0.65 -1.03
C LYS A 20 -4.54 0.49 -0.10
N ALA A 21 -5.80 0.50 0.31
CA ALA A 21 -6.31 1.52 1.20
C ALA A 21 -6.64 0.94 2.57
N PHE A 22 -6.45 1.76 3.61
CA PHE A 22 -6.72 1.33 4.98
C PHE A 22 -7.58 2.36 5.71
N LYS A 23 -8.58 1.87 6.43
CA LYS A 23 -9.48 2.74 7.18
C LYS A 23 -8.72 3.50 8.27
N THR A 24 -7.87 2.78 8.99
CA THR A 24 -7.08 3.38 10.06
C THR A 24 -5.62 3.53 9.66
N LYS A 25 -5.03 4.67 10.01
CA LYS A 25 -3.64 4.94 9.68
C LYS A 25 -2.74 3.81 10.17
N SER A 26 -2.81 3.51 11.47
CA SER A 26 -2.00 2.47 12.06
C SER A 26 -1.81 1.31 11.09
N SER A 27 -2.91 0.71 10.66
CA SER A 27 -2.86 -0.41 9.72
C SER A 27 -1.84 -0.15 8.62
N LEU A 28 -1.92 1.03 8.02
CA LEU A 28 -1.00 1.41 6.95
C LEU A 28 0.42 1.56 7.47
N ILE A 29 0.55 2.17 8.64
CA ILE A 29 1.86 2.38 9.26
C ILE A 29 2.72 1.13 9.14
N CYS A 30 2.11 -0.03 9.36
CA CYS A 30 2.83 -1.30 9.28
C CYS A 30 2.91 -1.78 7.84
N HIS A 31 1.87 -1.49 7.06
CA HIS A 31 1.82 -1.91 5.66
C HIS A 31 3.00 -1.33 4.89
N ARG A 32 3.25 -0.03 5.07
CA ARG A 32 4.35 0.63 4.38
C ARG A 32 5.66 -0.09 4.63
N ARG A 33 5.70 -0.88 5.70
CA ARG A 33 6.91 -1.64 6.04
C ARG A 33 6.96 -2.97 5.30
N SER A 34 5.81 -3.63 5.21
CA SER A 34 5.72 -4.91 4.52
C SER A 34 6.47 -4.87 3.20
N HIS A 35 6.62 -3.68 2.65
CA HIS A 35 7.32 -3.50 1.37
C HIS A 35 8.81 -3.28 1.60
N THR A 36 9.31 -3.77 2.73
CA THR A 36 10.72 -3.63 3.06
C THR A 36 11.13 -4.61 4.17
N GLY A 37 12.28 -5.23 4.00
CA GLY A 37 12.76 -6.18 4.99
C GLY A 37 14.17 -6.66 4.70
N GLU A 38 15.16 -5.92 5.19
CA GLU A 38 16.56 -6.27 4.96
C GLU A 38 17.47 -5.38 5.79
N LYS A 39 18.73 -5.81 5.93
CA LYS A 39 19.72 -5.05 6.70
C LYS A 39 20.85 -4.57 5.79
N PRO A 40 20.66 -3.39 5.18
CA PRO A 40 21.66 -2.78 4.29
C PRO A 40 22.90 -2.31 5.05
N SER A 41 23.98 -3.07 4.94
CA SER A 41 25.23 -2.72 5.62
C SER A 41 25.71 -1.33 5.18
N GLY A 42 26.44 -0.67 6.07
CA GLY A 42 26.95 0.66 5.76
C GLY A 42 28.46 0.75 5.93
N PRO A 43 29.10 1.54 5.06
CA PRO A 43 30.55 1.74 5.09
C PRO A 43 31.01 2.52 6.32
N SER A 44 30.06 2.91 7.16
CA SER A 44 30.37 3.66 8.36
C SER A 44 30.82 5.07 8.02
N SER A 45 30.14 5.69 7.06
CA SER A 45 30.49 7.04 6.63
C SER A 45 29.90 8.07 7.57
N GLY A 46 30.61 8.37 8.65
CA GLY A 46 30.14 9.34 9.61
C GLY A 46 28.65 9.23 9.87
ZN ZN B . 1.36 -1.41 -0.43
N GLY A 1 -9.53 9.96 -25.87
CA GLY A 1 -10.43 11.09 -25.65
C GLY A 1 -11.00 11.13 -24.25
N SER A 2 -10.14 10.96 -23.26
CA SER A 2 -10.55 10.96 -21.86
C SER A 2 -11.84 10.15 -21.68
N SER A 3 -11.90 9.00 -22.35
CA SER A 3 -13.07 8.13 -22.26
C SER A 3 -12.95 7.18 -21.08
N GLY A 4 -13.50 7.58 -19.94
CA GLY A 4 -13.45 6.75 -18.75
C GLY A 4 -14.51 7.13 -17.73
N SER A 5 -14.44 6.52 -16.56
CA SER A 5 -15.40 6.79 -15.50
C SER A 5 -14.72 7.46 -14.31
N SER A 6 -15.54 7.98 -13.39
CA SER A 6 -15.02 8.67 -12.21
C SER A 6 -15.02 7.73 -11.00
N GLY A 7 -14.47 8.20 -9.89
CA GLY A 7 -14.41 7.40 -8.68
C GLY A 7 -15.00 8.12 -7.49
N THR A 8 -14.79 7.56 -6.30
CA THR A 8 -15.31 8.15 -5.08
C THR A 8 -14.41 7.82 -3.89
N GLY A 9 -14.14 8.83 -3.05
CA GLY A 9 -13.29 8.62 -1.90
C GLY A 9 -13.59 7.32 -1.18
N GLN A 10 -12.55 6.53 -0.94
CA GLN A 10 -12.71 5.25 -0.26
C GLN A 10 -12.11 5.29 1.14
N ARG A 11 -10.85 5.70 1.22
CA ARG A 11 -10.15 5.78 2.49
C ARG A 11 -9.14 6.93 2.49
N PRO A 12 -8.99 7.59 3.65
CA PRO A 12 -8.06 8.72 3.80
C PRO A 12 -6.61 8.28 3.76
N TYR A 13 -6.39 6.97 3.71
CA TYR A 13 -5.04 6.43 3.66
C TYR A 13 -4.95 5.31 2.64
N GLU A 14 -4.02 5.46 1.69
CA GLU A 14 -3.82 4.46 0.64
C GLU A 14 -2.34 4.28 0.34
N CYS A 15 -1.95 3.04 0.05
CA CYS A 15 -0.56 2.73 -0.25
C CYS A 15 -0.30 2.80 -1.75
N ILE A 16 0.34 3.87 -2.19
CA ILE A 16 0.64 4.07 -3.60
C ILE A 16 1.65 3.02 -4.09
N GLU A 17 2.62 2.69 -3.24
CA GLU A 17 3.63 1.71 -3.58
C GLU A 17 3.03 0.57 -4.40
N CYS A 18 2.08 -0.13 -3.81
CA CYS A 18 1.42 -1.26 -4.47
C CYS A 18 -0.01 -0.89 -4.88
N GLY A 19 -0.71 -0.18 -3.99
CA GLY A 19 -2.07 0.23 -4.28
C GLY A 19 -3.08 -0.46 -3.38
N LYS A 20 -3.30 0.11 -2.20
CA LYS A 20 -4.24 -0.44 -1.24
C LYS A 20 -4.86 0.66 -0.39
N ALA A 21 -5.89 0.29 0.39
CA ALA A 21 -6.57 1.25 1.24
C ALA A 21 -6.71 0.70 2.66
N PHE A 22 -6.57 1.59 3.65
CA PHE A 22 -6.67 1.20 5.05
C PHE A 22 -7.58 2.16 5.81
N LYS A 23 -8.18 1.66 6.89
CA LYS A 23 -9.08 2.47 7.71
C LYS A 23 -8.35 3.68 8.28
N THR A 24 -7.14 3.45 8.76
CA THR A 24 -6.33 4.53 9.34
C THR A 24 -4.86 4.35 9.01
N LYS A 25 -4.03 5.23 9.55
CA LYS A 25 -2.58 5.17 9.31
C LYS A 25 -1.95 4.05 10.14
N SER A 26 -2.46 3.85 11.35
CA SER A 26 -1.93 2.82 12.23
C SER A 26 -1.94 1.46 11.54
N SER A 27 -2.99 1.20 10.78
CA SER A 27 -3.12 -0.07 10.06
C SER A 27 -2.24 -0.08 8.81
N LEU A 28 -2.24 1.02 8.09
CA LEU A 28 -1.45 1.14 6.87
C LEU A 28 0.03 0.93 7.16
N ILE A 29 0.53 1.62 8.19
CA ILE A 29 1.93 1.51 8.57
C ILE A 29 2.37 0.05 8.63
N CYS A 30 1.66 -0.76 9.40
CA CYS A 30 1.97 -2.18 9.53
C CYS A 30 2.22 -2.81 8.16
N HIS A 31 1.64 -2.21 7.13
CA HIS A 31 1.81 -2.71 5.76
C HIS A 31 2.97 -2.02 5.06
N ARG A 32 2.91 -0.68 5.02
CA ARG A 32 3.96 0.10 4.37
C ARG A 32 5.34 -0.39 4.80
N ARG A 33 5.52 -0.60 6.09
CA ARG A 33 6.79 -1.06 6.62
C ARG A 33 7.23 -2.34 5.94
N SER A 34 6.29 -3.25 5.71
CA SER A 34 6.58 -4.52 5.06
C SER A 34 7.37 -4.30 3.78
N HIS A 35 6.93 -3.33 2.99
CA HIS A 35 7.59 -3.02 1.72
C HIS A 35 9.09 -2.82 1.93
N THR A 36 9.45 -2.11 2.99
CA THR A 36 10.85 -1.83 3.29
C THR A 36 11.45 -2.96 4.13
N GLY A 37 11.08 -4.20 3.81
CA GLY A 37 11.61 -5.34 4.54
C GLY A 37 12.52 -6.21 3.69
N GLU A 38 12.11 -7.46 3.48
CA GLU A 38 12.91 -8.39 2.68
C GLU A 38 12.48 -8.35 1.22
N LYS A 39 13.25 -7.65 0.39
CA LYS A 39 12.95 -7.53 -1.03
C LYS A 39 14.01 -8.26 -1.86
N PRO A 40 13.55 -9.01 -2.87
CA PRO A 40 14.44 -9.76 -3.77
C PRO A 40 15.24 -8.84 -4.69
N SER A 41 16.01 -9.44 -5.59
CA SER A 41 16.83 -8.68 -6.52
C SER A 41 16.03 -8.27 -7.75
N GLY A 42 15.38 -7.11 -7.67
CA GLY A 42 14.58 -6.62 -8.77
C GLY A 42 13.88 -7.74 -9.52
N PRO A 43 12.73 -8.17 -9.00
CA PRO A 43 11.94 -9.24 -9.62
C PRO A 43 11.30 -8.82 -10.94
N SER A 44 12.09 -8.84 -12.00
CA SER A 44 11.61 -8.47 -13.32
C SER A 44 12.63 -8.82 -14.40
N SER A 45 12.16 -9.36 -15.51
CA SER A 45 13.03 -9.75 -16.61
C SER A 45 13.24 -8.58 -17.57
N GLY A 46 14.31 -7.83 -17.35
CA GLY A 46 14.61 -6.69 -18.20
C GLY A 46 13.47 -5.69 -18.24
ZN ZN B . 1.73 -1.52 -0.29
N GLY A 1 -9.64 5.22 -25.22
CA GLY A 1 -10.78 4.82 -24.42
C GLY A 1 -10.37 4.14 -23.12
N SER A 2 -10.13 4.94 -22.08
CA SER A 2 -9.72 4.41 -20.80
C SER A 2 -10.67 4.89 -19.69
N SER A 3 -11.67 4.07 -19.39
CA SER A 3 -12.65 4.42 -18.35
C SER A 3 -12.91 3.23 -17.44
N GLY A 4 -12.87 3.47 -16.14
CA GLY A 4 -13.10 2.41 -15.18
C GLY A 4 -13.02 2.89 -13.74
N SER A 5 -12.21 2.23 -12.94
CA SER A 5 -12.03 2.59 -11.54
C SER A 5 -13.35 3.09 -10.95
N SER A 6 -14.43 2.38 -11.26
CA SER A 6 -15.76 2.75 -10.76
C SER A 6 -15.91 2.38 -9.29
N GLY A 7 -15.55 3.32 -8.40
CA GLY A 7 -15.66 3.06 -6.98
C GLY A 7 -14.35 2.61 -6.37
N THR A 8 -13.28 3.32 -6.68
CA THR A 8 -11.96 2.99 -6.16
C THR A 8 -11.15 4.24 -5.85
N GLY A 9 -10.87 4.46 -4.56
CA GLY A 9 -10.11 5.63 -4.17
C GLY A 9 -10.91 6.57 -3.28
N GLN A 10 -11.37 6.06 -2.15
CA GLN A 10 -12.16 6.87 -1.22
C GLN A 10 -11.43 7.04 0.10
N ARG A 11 -11.03 5.92 0.70
CA ARG A 11 -10.32 5.95 1.97
C ARG A 11 -9.21 7.00 1.97
N PRO A 12 -9.01 7.65 3.12
CA PRO A 12 -7.98 8.69 3.27
C PRO A 12 -6.57 8.12 3.23
N TYR A 13 -6.43 6.86 3.63
CA TYR A 13 -5.14 6.19 3.64
C TYR A 13 -5.03 5.18 2.51
N GLU A 14 -4.14 5.43 1.56
CA GLU A 14 -3.95 4.54 0.43
C GLU A 14 -2.46 4.38 0.10
N CYS A 15 -1.98 3.15 0.10
CA CYS A 15 -0.58 2.87 -0.19
C CYS A 15 -0.27 3.15 -1.66
N ILE A 16 0.89 3.75 -1.91
CA ILE A 16 1.30 4.08 -3.27
C ILE A 16 2.19 2.99 -3.85
N GLU A 17 2.87 2.26 -2.97
CA GLU A 17 3.75 1.17 -3.40
C GLU A 17 2.99 0.16 -4.25
N CYS A 18 1.98 -0.47 -3.66
CA CYS A 18 1.18 -1.46 -4.36
C CYS A 18 -0.12 -0.85 -4.87
N GLY A 19 -0.83 -0.16 -3.98
CA GLY A 19 -2.09 0.47 -4.36
C GLY A 19 -3.27 -0.08 -3.57
N LYS A 20 -3.19 0.01 -2.25
CA LYS A 20 -4.26 -0.48 -1.39
C LYS A 20 -4.86 0.66 -0.56
N ALA A 21 -5.83 0.33 0.27
CA ALA A 21 -6.49 1.32 1.12
C ALA A 21 -6.72 0.78 2.52
N PHE A 22 -6.58 1.65 3.52
CA PHE A 22 -6.78 1.24 4.91
C PHE A 22 -7.76 2.19 5.62
N LYS A 23 -8.21 1.78 6.80
CA LYS A 23 -9.14 2.59 7.57
C LYS A 23 -8.41 3.60 8.43
N THR A 24 -7.33 3.16 9.06
CA THR A 24 -6.53 4.03 9.92
C THR A 24 -5.04 3.86 9.65
N LYS A 25 -4.26 4.85 10.06
CA LYS A 25 -2.81 4.81 9.86
C LYS A 25 -2.19 3.60 10.56
N SER A 26 -2.55 3.42 11.83
CA SER A 26 -2.03 2.30 12.62
C SER A 26 -1.84 1.06 11.75
N SER A 27 -2.83 0.79 10.89
CA SER A 27 -2.78 -0.36 10.01
C SER A 27 -1.84 -0.10 8.83
N LEU A 28 -2.12 0.97 8.09
CA LEU A 28 -1.31 1.34 6.94
C LEU A 28 0.16 1.45 7.32
N ILE A 29 0.47 2.37 8.24
CA ILE A 29 1.84 2.57 8.69
C ILE A 29 2.59 1.25 8.76
N CYS A 30 1.92 0.21 9.25
CA CYS A 30 2.52 -1.11 9.37
C CYS A 30 2.74 -1.74 8.00
N HIS A 31 1.68 -1.76 7.19
CA HIS A 31 1.76 -2.34 5.86
C HIS A 31 2.87 -1.69 5.04
N ARG A 32 2.99 -0.37 5.17
CA ARG A 32 4.01 0.38 4.45
C ARG A 32 5.39 -0.19 4.71
N ARG A 33 5.50 -1.01 5.75
CA ARG A 33 6.77 -1.63 6.11
C ARG A 33 6.96 -2.95 5.38
N SER A 34 5.91 -3.77 5.36
CA SER A 34 5.96 -5.06 4.71
C SER A 34 6.76 -4.98 3.41
N HIS A 35 6.60 -3.89 2.69
CA HIS A 35 7.31 -3.69 1.44
C HIS A 35 8.81 -3.59 1.66
N THR A 36 9.25 -2.46 2.21
CA THR A 36 10.67 -2.24 2.48
C THR A 36 11.21 -3.29 3.43
N GLY A 37 12.48 -3.67 3.24
CA GLY A 37 13.10 -4.66 4.08
C GLY A 37 14.61 -4.65 3.98
N GLU A 38 15.19 -5.84 3.81
CA GLU A 38 16.63 -5.97 3.69
C GLU A 38 17.14 -5.27 2.43
N LYS A 39 18.31 -4.63 2.54
CA LYS A 39 18.90 -3.93 1.42
C LYS A 39 19.09 -4.87 0.23
N PRO A 40 19.26 -4.29 -0.96
CA PRO A 40 19.47 -5.05 -2.20
C PRO A 40 20.82 -5.74 -2.24
N SER A 41 21.68 -5.42 -1.26
CA SER A 41 23.01 -6.01 -1.18
C SER A 41 22.94 -7.45 -0.69
N GLY A 42 23.70 -8.33 -1.34
CA GLY A 42 23.71 -9.73 -0.95
C GLY A 42 24.76 -10.03 0.10
N PRO A 43 24.79 -11.29 0.57
CA PRO A 43 25.74 -11.74 1.59
C PRO A 43 27.18 -11.78 1.06
N SER A 44 27.36 -11.37 -0.20
CA SER A 44 28.67 -11.38 -0.82
C SER A 44 29.76 -11.04 0.20
N SER A 45 29.47 -10.05 1.06
CA SER A 45 30.43 -9.64 2.08
C SER A 45 30.97 -10.84 2.85
N GLY A 46 31.93 -10.59 3.73
CA GLY A 46 32.52 -11.66 4.51
C GLY A 46 33.10 -12.76 3.64
ZN ZN B . 1.55 -1.28 -0.30
N GLY A 1 -12.29 -9.47 -17.83
CA GLY A 1 -11.59 -8.20 -17.69
C GLY A 1 -12.53 -7.02 -17.64
N SER A 2 -12.83 -6.45 -18.80
CA SER A 2 -13.73 -5.30 -18.88
C SER A 2 -13.39 -4.28 -17.80
N SER A 3 -12.10 -4.04 -17.60
CA SER A 3 -11.65 -3.08 -16.59
C SER A 3 -12.35 -1.74 -16.75
N GLY A 4 -13.36 -1.51 -15.93
CA GLY A 4 -14.10 -0.26 -16.01
C GLY A 4 -14.86 0.05 -14.73
N SER A 5 -14.22 -0.22 -13.59
CA SER A 5 -14.83 0.02 -12.29
C SER A 5 -14.12 1.15 -11.55
N SER A 6 -14.90 1.94 -10.81
CA SER A 6 -14.34 3.06 -10.06
C SER A 6 -14.19 2.70 -8.58
N GLY A 7 -15.28 2.27 -7.97
CA GLY A 7 -15.27 1.91 -6.57
C GLY A 7 -15.62 3.06 -5.66
N THR A 8 -16.89 3.14 -5.27
CA THR A 8 -17.36 4.21 -4.39
C THR A 8 -16.86 4.02 -2.97
N GLY A 9 -16.50 5.12 -2.33
CA GLY A 9 -16.01 5.04 -0.96
C GLY A 9 -14.50 4.91 -0.89
N GLN A 10 -13.81 6.02 -0.62
CA GLN A 10 -12.37 6.03 -0.53
C GLN A 10 -11.91 6.38 0.89
N ARG A 11 -10.65 6.09 1.18
CA ARG A 11 -10.08 6.37 2.50
C ARG A 11 -8.92 7.35 2.39
N PRO A 12 -8.68 8.11 3.48
CA PRO A 12 -7.60 9.09 3.52
C PRO A 12 -6.22 8.44 3.57
N TYR A 13 -6.20 7.13 3.87
CA TYR A 13 -4.95 6.39 3.95
C TYR A 13 -4.83 5.40 2.79
N GLU A 14 -3.84 5.62 1.93
CA GLU A 14 -3.62 4.74 0.79
C GLU A 14 -2.14 4.45 0.59
N CYS A 15 -1.83 3.33 -0.05
CA CYS A 15 -0.45 2.94 -0.31
C CYS A 15 -0.17 2.86 -1.81
N ILE A 16 0.79 3.66 -2.26
CA ILE A 16 1.15 3.67 -3.68
C ILE A 16 2.02 2.47 -4.03
N GLU A 17 2.85 2.04 -3.08
CA GLU A 17 3.73 0.90 -3.30
C GLU A 17 2.99 -0.22 -4.01
N CYS A 18 1.74 -0.44 -3.63
CA CYS A 18 0.93 -1.48 -4.22
C CYS A 18 -0.42 -0.94 -4.69
N GLY A 19 -1.00 -0.05 -3.90
CA GLY A 19 -2.28 0.55 -4.26
C GLY A 19 -3.41 0.07 -3.37
N LYS A 20 -3.10 -0.16 -2.09
CA LYS A 20 -4.10 -0.62 -1.13
C LYS A 20 -4.54 0.51 -0.22
N ALA A 21 -5.78 0.42 0.26
CA ALA A 21 -6.32 1.44 1.15
C ALA A 21 -6.52 0.89 2.56
N PHE A 22 -6.51 1.78 3.54
CA PHE A 22 -6.69 1.38 4.93
C PHE A 22 -7.56 2.38 5.69
N LYS A 23 -8.53 1.87 6.44
CA LYS A 23 -9.43 2.73 7.21
C LYS A 23 -8.69 3.40 8.36
N THR A 24 -7.58 2.79 8.77
CA THR A 24 -6.78 3.34 9.87
C THR A 24 -5.31 3.39 9.49
N LYS A 25 -4.68 4.55 9.71
CA LYS A 25 -3.27 4.72 9.41
C LYS A 25 -2.41 3.71 10.16
N SER A 26 -2.67 3.59 11.46
CA SER A 26 -1.91 2.66 12.30
C SER A 26 -1.67 1.35 11.58
N SER A 27 -2.67 0.90 10.81
CA SER A 27 -2.56 -0.35 10.07
C SER A 27 -1.74 -0.15 8.80
N LEU A 28 -2.01 0.94 8.09
CA LEU A 28 -1.29 1.24 6.85
C LEU A 28 0.21 1.33 7.11
N ILE A 29 0.58 1.77 8.31
CA ILE A 29 1.98 1.90 8.68
C ILE A 29 2.67 0.53 8.73
N CYS A 30 2.05 -0.41 9.42
CA CYS A 30 2.59 -1.76 9.56
C CYS A 30 2.65 -2.44 8.20
N HIS A 31 1.89 -1.92 7.23
CA HIS A 31 1.86 -2.49 5.90
C HIS A 31 2.85 -1.78 4.98
N ARG A 32 2.57 -0.52 4.67
CA ARG A 32 3.44 0.26 3.79
C ARG A 32 4.91 0.03 4.15
N ARG A 33 5.16 -0.34 5.40
CA ARG A 33 6.52 -0.59 5.87
C ARG A 33 6.96 -2.02 5.54
N SER A 34 6.03 -2.96 5.71
CA SER A 34 6.32 -4.36 5.43
C SER A 34 6.93 -4.54 4.04
N HIS A 35 6.60 -3.62 3.14
CA HIS A 35 7.12 -3.67 1.78
C HIS A 35 8.62 -3.98 1.78
N THR A 36 9.35 -3.35 2.69
CA THR A 36 10.79 -3.55 2.80
C THR A 36 11.14 -5.03 2.68
N GLY A 37 11.91 -5.37 1.65
CA GLY A 37 12.31 -6.76 1.46
C GLY A 37 13.37 -6.90 0.38
N GLU A 38 13.10 -7.76 -0.61
CA GLU A 38 14.04 -7.99 -1.69
C GLU A 38 13.36 -7.82 -3.05
N LYS A 39 14.05 -7.15 -3.97
CA LYS A 39 13.52 -6.91 -5.30
C LYS A 39 13.75 -8.12 -6.20
N PRO A 40 12.79 -8.39 -7.10
CA PRO A 40 12.87 -9.51 -8.04
C PRO A 40 13.95 -9.30 -9.10
N SER A 41 15.02 -10.08 -8.99
CA SER A 41 16.12 -9.98 -9.94
C SER A 41 15.92 -10.93 -11.13
N GLY A 42 15.52 -12.17 -10.82
CA GLY A 42 15.29 -13.14 -11.87
C GLY A 42 16.54 -13.92 -12.21
N PRO A 43 16.35 -15.21 -12.57
CA PRO A 43 17.47 -16.09 -12.93
C PRO A 43 18.10 -15.71 -14.26
N SER A 44 19.35 -15.25 -14.21
CA SER A 44 20.07 -14.85 -15.42
C SER A 44 21.51 -15.36 -15.39
N SER A 45 21.96 -15.87 -16.52
CA SER A 45 23.32 -16.41 -16.64
C SER A 45 24.01 -15.87 -17.88
N GLY A 46 25.35 -15.82 -17.83
CA GLY A 46 26.11 -15.32 -18.95
C GLY A 46 27.21 -16.28 -19.38
ZN ZN B . 1.44 -1.35 -0.09
N GLY A 1 -6.87 9.98 -16.79
CA GLY A 1 -7.76 11.12 -16.88
C GLY A 1 -9.16 10.73 -17.31
N SER A 2 -9.74 9.78 -16.61
CA SER A 2 -11.09 9.31 -16.93
C SER A 2 -11.91 9.08 -15.66
N SER A 3 -13.02 9.78 -15.54
CA SER A 3 -13.90 9.66 -14.38
C SER A 3 -14.71 8.37 -14.43
N GLY A 4 -14.25 7.36 -13.70
CA GLY A 4 -14.94 6.09 -13.69
C GLY A 4 -14.08 4.95 -14.20
N SER A 5 -12.89 4.81 -13.64
CA SER A 5 -11.97 3.76 -14.05
C SER A 5 -11.41 3.01 -12.85
N SER A 6 -10.86 3.76 -11.90
CA SER A 6 -10.29 3.17 -10.69
C SER A 6 -10.91 3.79 -9.44
N GLY A 7 -12.05 3.26 -9.02
CA GLY A 7 -12.71 3.78 -7.83
C GLY A 7 -13.32 2.68 -6.99
N THR A 8 -12.49 2.02 -6.19
CA THR A 8 -12.94 0.94 -5.32
C THR A 8 -13.34 1.46 -3.95
N GLY A 9 -12.79 2.63 -3.59
CA GLY A 9 -13.10 3.22 -2.30
C GLY A 9 -12.20 4.40 -1.97
N GLN A 10 -12.80 5.48 -1.50
CA GLN A 10 -12.04 6.68 -1.15
C GLN A 10 -11.74 6.71 0.34
N ARG A 11 -10.50 6.37 0.69
CA ARG A 11 -10.08 6.36 2.09
C ARG A 11 -8.99 7.39 2.33
N PRO A 12 -8.91 7.89 3.58
CA PRO A 12 -7.91 8.89 3.97
C PRO A 12 -6.50 8.31 4.00
N TYR A 13 -6.38 7.02 3.77
CA TYR A 13 -5.08 6.35 3.77
C TYR A 13 -5.02 5.30 2.67
N GLU A 14 -4.18 5.55 1.67
CA GLU A 14 -4.01 4.62 0.56
C GLU A 14 -2.54 4.36 0.27
N CYS A 15 -2.20 3.10 0.04
CA CYS A 15 -0.82 2.72 -0.24
C CYS A 15 -0.49 2.94 -1.72
N ILE A 16 0.61 3.63 -1.98
CA ILE A 16 1.04 3.91 -3.35
C ILE A 16 2.00 2.83 -3.85
N GLU A 17 2.77 2.24 -2.94
CA GLU A 17 3.72 1.20 -3.29
C GLU A 17 3.08 0.17 -4.22
N CYS A 18 2.00 -0.45 -3.75
CA CYS A 18 1.29 -1.46 -4.53
C CYS A 18 -0.08 -0.95 -4.96
N GLY A 19 -0.79 -0.34 -4.02
CA GLY A 19 -2.11 0.20 -4.32
C GLY A 19 -3.19 -0.38 -3.42
N LYS A 20 -3.20 0.06 -2.17
CA LYS A 20 -4.18 -0.41 -1.20
C LYS A 20 -4.85 0.75 -0.48
N ALA A 21 -5.84 0.45 0.35
CA ALA A 21 -6.55 1.47 1.11
C ALA A 21 -6.97 0.95 2.48
N PHE A 22 -6.65 1.70 3.52
CA PHE A 22 -6.99 1.32 4.88
C PHE A 22 -7.78 2.43 5.58
N LYS A 23 -8.52 2.05 6.61
CA LYS A 23 -9.32 3.02 7.37
C LYS A 23 -8.43 3.88 8.26
N THR A 24 -7.56 3.23 9.02
CA THR A 24 -6.65 3.95 9.91
C THR A 24 -5.22 3.91 9.39
N LYS A 25 -4.40 4.86 9.84
CA LYS A 25 -3.01 4.93 9.42
C LYS A 25 -2.17 3.84 10.10
N SER A 26 -2.43 3.63 11.39
CA SER A 26 -1.71 2.61 12.15
C SER A 26 -1.67 1.29 11.41
N SER A 27 -2.82 0.91 10.82
CA SER A 27 -2.92 -0.33 10.08
C SER A 27 -2.10 -0.28 8.80
N LEU A 28 -2.07 0.89 8.18
CA LEU A 28 -1.31 1.08 6.94
C LEU A 28 0.19 1.00 7.20
N ILE A 29 0.67 1.79 8.14
CA ILE A 29 2.08 1.81 8.49
C ILE A 29 2.67 0.40 8.43
N CYS A 30 2.06 -0.52 9.14
CA CYS A 30 2.52 -1.91 9.17
C CYS A 30 2.66 -2.47 7.76
N HIS A 31 1.72 -2.09 6.88
CA HIS A 31 1.75 -2.56 5.51
C HIS A 31 2.90 -1.92 4.74
N ARG A 32 3.04 -0.60 4.88
CA ARG A 32 4.10 0.12 4.19
C ARG A 32 5.48 -0.37 4.63
N ARG A 33 5.71 -0.36 5.93
CA ARG A 33 6.98 -0.80 6.49
C ARG A 33 7.27 -2.24 6.09
N SER A 34 6.23 -3.03 5.92
CA SER A 34 6.37 -4.43 5.53
C SER A 34 7.00 -4.54 4.15
N HIS A 35 6.53 -3.71 3.22
CA HIS A 35 7.05 -3.72 1.85
C HIS A 35 8.57 -3.82 1.85
N THR A 36 9.23 -2.78 2.36
CA THR A 36 10.68 -2.75 2.41
C THR A 36 11.21 -3.61 3.55
N GLY A 37 10.42 -3.73 4.61
CA GLY A 37 10.83 -4.53 5.75
C GLY A 37 12.28 -4.32 6.11
N GLU A 38 13.13 -5.25 5.70
CA GLU A 38 14.57 -5.16 5.98
C GLU A 38 15.10 -3.77 5.66
N LYS A 39 15.98 -3.26 6.52
CA LYS A 39 16.57 -1.94 6.32
C LYS A 39 15.49 -0.86 6.26
N PRO A 40 14.63 -0.83 7.29
CA PRO A 40 13.54 0.16 7.38
C PRO A 40 14.05 1.57 7.60
N SER A 41 13.12 2.51 7.75
CA SER A 41 13.48 3.91 7.97
C SER A 41 14.40 4.05 9.18
N GLY A 42 15.69 4.16 8.91
CA GLY A 42 16.66 4.31 9.99
C GLY A 42 16.90 3.00 10.73
N PRO A 43 17.84 3.02 11.69
CA PRO A 43 18.18 1.84 12.49
C PRO A 43 17.06 1.46 13.46
N SER A 44 17.17 0.26 14.03
CA SER A 44 16.17 -0.22 14.97
C SER A 44 16.82 -1.00 16.11
N SER A 45 16.81 -0.41 17.31
CA SER A 45 17.40 -1.06 18.48
C SER A 45 16.46 -1.00 19.67
N GLY A 46 16.86 -1.63 20.77
CA GLY A 46 16.03 -1.64 21.96
C GLY A 46 16.19 -0.37 22.78
ZN ZN B . 1.26 -1.61 -0.42
N GLY A 1 -17.81 0.34 -9.63
CA GLY A 1 -18.36 0.46 -8.30
C GLY A 1 -19.87 0.61 -8.30
N SER A 2 -20.57 -0.52 -8.44
CA SER A 2 -22.02 -0.51 -8.48
C SER A 2 -22.59 -1.09 -7.19
N SER A 3 -22.09 -2.26 -6.80
CA SER A 3 -22.55 -2.93 -5.60
C SER A 3 -22.06 -2.21 -4.35
N GLY A 4 -22.99 -1.92 -3.44
CA GLY A 4 -22.63 -1.23 -2.22
C GLY A 4 -23.84 -0.66 -1.50
N SER A 5 -24.25 -1.32 -0.42
CA SER A 5 -25.41 -0.88 0.35
C SER A 5 -25.15 0.50 0.97
N SER A 6 -26.23 1.28 1.10
CA SER A 6 -26.11 2.62 1.66
C SER A 6 -25.54 2.57 3.07
N GLY A 7 -24.51 3.38 3.30
CA GLY A 7 -23.87 3.41 4.61
C GLY A 7 -22.41 3.05 4.56
N THR A 8 -21.60 3.94 4.00
CA THR A 8 -20.16 3.71 3.89
C THR A 8 -19.39 5.03 3.82
N GLY A 9 -18.09 4.96 4.07
CA GLY A 9 -17.27 6.15 4.03
C GLY A 9 -16.14 6.05 3.02
N GLN A 10 -15.07 6.80 3.27
CA GLN A 10 -13.91 6.78 2.38
C GLN A 10 -12.62 6.49 3.15
N ARG A 11 -11.63 5.94 2.45
CA ARG A 11 -10.36 5.60 3.07
C ARG A 11 -9.24 6.43 2.46
N PRO A 12 -9.00 7.63 3.02
CA PRO A 12 -7.96 8.54 2.55
C PRO A 12 -6.55 8.02 2.86
N TYR A 13 -6.49 6.83 3.44
CA TYR A 13 -5.20 6.22 3.78
C TYR A 13 -4.78 5.20 2.71
N GLU A 14 -4.47 5.71 1.52
CA GLU A 14 -4.05 4.85 0.42
C GLU A 14 -2.54 4.61 0.46
N CYS A 15 -2.11 3.47 -0.06
CA CYS A 15 -0.71 3.11 -0.08
C CYS A 15 -0.11 3.32 -1.48
N ILE A 16 1.20 3.44 -1.55
CA ILE A 16 1.89 3.62 -2.82
C ILE A 16 2.69 2.38 -3.21
N GLU A 17 3.20 1.68 -2.21
CA GLU A 17 3.99 0.47 -2.44
C GLU A 17 3.27 -0.45 -3.42
N CYS A 18 1.98 -0.66 -3.19
CA CYS A 18 1.18 -1.53 -4.03
C CYS A 18 -0.07 -0.81 -4.53
N GLY A 19 -0.75 -0.13 -3.61
CA GLY A 19 -1.96 0.60 -3.97
C GLY A 19 -3.19 0.06 -3.27
N LYS A 20 -3.20 0.17 -1.95
CA LYS A 20 -4.34 -0.31 -1.16
C LYS A 20 -5.01 0.85 -0.41
N ALA A 21 -6.01 0.52 0.40
CA ALA A 21 -6.72 1.52 1.16
C ALA A 21 -7.10 0.99 2.54
N PHE A 22 -6.92 1.83 3.56
CA PHE A 22 -7.23 1.44 4.93
C PHE A 22 -7.96 2.57 5.66
N LYS A 23 -8.52 2.25 6.82
CA LYS A 23 -9.24 3.24 7.63
C LYS A 23 -8.33 3.84 8.69
N THR A 24 -7.50 3.00 9.30
CA THR A 24 -6.58 3.45 10.34
C THR A 24 -5.15 3.52 9.81
N LYS A 25 -4.41 4.52 10.26
CA LYS A 25 -3.03 4.71 9.84
C LYS A 25 -2.15 3.56 10.33
N SER A 26 -2.17 3.33 11.63
CA SER A 26 -1.37 2.26 12.23
C SER A 26 -1.37 1.02 11.33
N SER A 27 -2.52 0.73 10.75
CA SER A 27 -2.65 -0.43 9.87
C SER A 27 -1.88 -0.22 8.57
N LEU A 28 -2.21 0.86 7.87
CA LEU A 28 -1.55 1.19 6.60
C LEU A 28 -0.03 1.21 6.78
N ILE A 29 0.43 1.92 7.79
CA ILE A 29 1.87 2.01 8.06
C ILE A 29 2.51 0.63 8.07
N CYS A 30 2.06 -0.22 8.99
CA CYS A 30 2.60 -1.57 9.11
C CYS A 30 2.61 -2.27 7.75
N HIS A 31 1.64 -1.92 6.90
CA HIS A 31 1.53 -2.52 5.58
C HIS A 31 2.40 -1.78 4.57
N ARG A 32 2.75 -0.54 4.90
CA ARG A 32 3.57 0.28 4.02
C ARG A 32 5.03 -0.15 4.09
N ARG A 33 5.57 -0.18 5.30
CA ARG A 33 6.96 -0.58 5.50
C ARG A 33 7.17 -2.04 5.15
N SER A 34 6.22 -2.89 5.53
CA SER A 34 6.30 -4.31 5.25
C SER A 34 6.85 -4.56 3.85
N HIS A 35 6.26 -3.91 2.86
CA HIS A 35 6.69 -4.06 1.47
C HIS A 35 8.21 -4.18 1.39
N THR A 36 8.91 -3.20 1.97
CA THR A 36 10.36 -3.20 1.97
C THR A 36 10.93 -4.01 3.13
N GLY A 37 11.38 -5.21 2.83
CA GLY A 37 11.93 -6.08 3.86
C GLY A 37 13.28 -6.66 3.47
N GLU A 38 13.32 -7.30 2.31
CA GLU A 38 14.56 -7.92 1.83
C GLU A 38 15.72 -6.94 1.96
N LYS A 39 16.49 -7.09 3.03
CA LYS A 39 17.65 -6.24 3.28
C LYS A 39 18.71 -6.43 2.20
N PRO A 40 19.39 -5.33 1.84
CA PRO A 40 20.44 -5.34 0.82
C PRO A 40 21.69 -6.08 1.30
N SER A 41 21.79 -7.37 0.95
CA SER A 41 22.93 -8.18 1.35
C SER A 41 22.86 -9.56 0.72
N GLY A 42 23.74 -9.81 -0.25
CA GLY A 42 23.76 -11.10 -0.92
C GLY A 42 24.97 -11.93 -0.53
N PRO A 43 26.10 -11.70 -1.21
CA PRO A 43 27.35 -12.43 -0.95
C PRO A 43 27.95 -12.06 0.40
N SER A 44 28.27 -13.08 1.20
CA SER A 44 28.87 -12.87 2.51
C SER A 44 30.30 -12.36 2.39
N SER A 45 30.46 -11.04 2.46
CA SER A 45 31.78 -10.43 2.35
C SER A 45 32.67 -10.87 3.50
N GLY A 46 33.98 -10.84 3.27
CA GLY A 46 34.93 -11.24 4.29
C GLY A 46 35.26 -10.11 5.25
ZN ZN B . 0.86 -1.45 -0.11
N GLY A 1 -6.00 10.64 -21.85
CA GLY A 1 -6.55 9.94 -20.71
C GLY A 1 -5.81 10.23 -19.42
N SER A 2 -5.60 11.51 -19.13
CA SER A 2 -4.89 11.93 -17.93
C SER A 2 -5.27 11.04 -16.75
N SER A 3 -4.27 10.48 -16.09
CA SER A 3 -4.49 9.61 -14.94
C SER A 3 -5.46 10.26 -13.96
N GLY A 4 -6.49 9.50 -13.57
CA GLY A 4 -7.47 10.01 -12.64
C GLY A 4 -8.89 9.61 -13.01
N SER A 5 -9.67 9.22 -12.00
CA SER A 5 -11.04 8.80 -12.22
C SER A 5 -12.01 9.61 -11.36
N SER A 6 -13.30 9.41 -11.58
CA SER A 6 -14.33 10.13 -10.82
C SER A 6 -14.18 9.87 -9.33
N GLY A 7 -14.08 10.95 -8.55
CA GLY A 7 -13.94 10.81 -7.12
C GLY A 7 -12.49 10.79 -6.69
N THR A 8 -12.18 11.50 -5.59
CA THR A 8 -10.82 11.55 -5.07
C THR A 8 -10.59 10.46 -4.04
N GLY A 9 -10.15 9.29 -4.51
CA GLY A 9 -9.89 8.18 -3.60
C GLY A 9 -11.12 7.78 -2.80
N GLN A 10 -10.98 6.75 -1.98
CA GLN A 10 -12.08 6.27 -1.16
C GLN A 10 -11.78 6.45 0.33
N ARG A 11 -10.58 6.01 0.73
CA ARG A 11 -10.17 6.11 2.12
C ARG A 11 -9.08 7.17 2.29
N PRO A 12 -9.07 7.82 3.46
CA PRO A 12 -8.08 8.86 3.78
C PRO A 12 -6.67 8.30 3.95
N TYR A 13 -6.56 6.98 3.90
CA TYR A 13 -5.27 6.33 4.05
C TYR A 13 -5.07 5.25 2.99
N GLU A 14 -4.23 5.55 2.00
CA GLU A 14 -3.96 4.60 0.93
C GLU A 14 -2.47 4.34 0.80
N CYS A 15 -2.11 3.21 0.19
CA CYS A 15 -0.71 2.85 0.01
C CYS A 15 -0.28 3.07 -1.43
N ILE A 16 1.03 3.29 -1.63
CA ILE A 16 1.57 3.52 -2.95
C ILE A 16 2.43 2.34 -3.41
N GLU A 17 3.22 1.81 -2.48
CA GLU A 17 4.10 0.68 -2.79
C GLU A 17 3.42 -0.29 -3.75
N CYS A 18 2.18 -0.65 -3.44
CA CYS A 18 1.42 -1.57 -4.28
C CYS A 18 0.10 -0.95 -4.70
N GLY A 19 -0.51 -0.19 -3.79
CA GLY A 19 -1.79 0.46 -4.09
C GLY A 19 -2.94 -0.19 -3.36
N LYS A 20 -3.36 0.41 -2.26
CA LYS A 20 -4.48 -0.10 -1.48
C LYS A 20 -5.12 1.01 -0.64
N ALA A 21 -6.14 0.64 0.14
CA ALA A 21 -6.83 1.59 0.97
C ALA A 21 -7.19 0.98 2.33
N PHE A 22 -6.81 1.67 3.40
CA PHE A 22 -7.09 1.19 4.75
C PHE A 22 -7.99 2.17 5.50
N LYS A 23 -8.62 1.69 6.57
CA LYS A 23 -9.50 2.52 7.38
C LYS A 23 -8.70 3.45 8.27
N THR A 24 -7.62 2.93 8.86
CA THR A 24 -6.78 3.72 9.75
C THR A 24 -5.38 3.88 9.16
N LYS A 25 -4.64 4.86 9.67
CA LYS A 25 -3.28 5.11 9.20
C LYS A 25 -2.29 4.15 9.85
N SER A 26 -2.28 4.14 11.19
CA SER A 26 -1.38 3.26 11.92
C SER A 26 -1.31 1.87 11.29
N SER A 27 -2.46 1.20 11.25
CA SER A 27 -2.54 -0.13 10.67
C SER A 27 -1.88 -0.18 9.31
N LEU A 28 -2.09 0.87 8.52
CA LEU A 28 -1.50 0.96 7.19
C LEU A 28 0.01 1.08 7.25
N ILE A 29 0.49 1.67 8.34
CA ILE A 29 1.93 1.86 8.54
C ILE A 29 2.68 0.54 8.37
N CYS A 30 2.18 -0.51 9.01
CA CYS A 30 2.80 -1.82 8.94
C CYS A 30 2.74 -2.37 7.51
N HIS A 31 1.74 -1.93 6.75
CA HIS A 31 1.59 -2.36 5.37
C HIS A 31 2.51 -1.59 4.43
N ARG A 32 3.03 -0.47 4.93
CA ARG A 32 3.93 0.37 4.14
C ARG A 32 5.36 -0.15 4.22
N ARG A 33 5.79 -0.49 5.43
CA ARG A 33 7.14 -0.99 5.65
C ARG A 33 7.25 -2.45 5.25
N SER A 34 6.13 -3.17 5.32
CA SER A 34 6.09 -4.57 4.97
C SER A 34 6.47 -4.79 3.51
N HIS A 35 6.49 -3.69 2.75
CA HIS A 35 6.84 -3.76 1.33
C HIS A 35 8.35 -3.77 1.14
N THR A 36 9.04 -4.55 1.97
CA THR A 36 10.49 -4.66 1.90
C THR A 36 10.97 -6.02 2.41
N GLY A 37 11.91 -6.62 1.69
CA GLY A 37 12.43 -7.91 2.09
C GLY A 37 12.66 -8.84 0.91
N GLU A 38 12.05 -10.01 0.95
CA GLU A 38 12.19 -10.99 -0.12
C GLU A 38 11.34 -10.60 -1.33
N LYS A 39 11.88 -9.71 -2.16
CA LYS A 39 11.18 -9.25 -3.36
C LYS A 39 12.13 -8.52 -4.30
N PRO A 40 11.97 -8.78 -5.61
CA PRO A 40 12.80 -8.15 -6.64
C PRO A 40 12.51 -6.66 -6.79
N SER A 41 13.23 -5.84 -6.05
CA SER A 41 13.05 -4.39 -6.10
C SER A 41 13.30 -3.86 -7.51
N GLY A 42 12.36 -3.08 -8.02
CA GLY A 42 12.49 -2.52 -9.36
C GLY A 42 13.30 -1.24 -9.36
N PRO A 43 13.11 -0.43 -10.41
CA PRO A 43 13.82 0.84 -10.57
C PRO A 43 13.36 1.89 -9.56
N SER A 44 13.99 3.06 -9.59
CA SER A 44 13.64 4.14 -8.68
C SER A 44 14.26 5.45 -9.13
N SER A 45 13.43 6.47 -9.30
CA SER A 45 13.89 7.79 -9.73
C SER A 45 13.37 8.88 -8.81
N GLY A 46 14.24 9.83 -8.47
CA GLY A 46 13.85 10.91 -7.59
C GLY A 46 15.04 11.70 -7.07
ZN ZN B . 0.83 -1.52 -0.31
N GLY A 1 -21.14 -2.96 -0.28
CA GLY A 1 -22.20 -2.14 -0.83
C GLY A 1 -23.08 -2.91 -1.79
N SER A 2 -23.73 -2.20 -2.72
CA SER A 2 -24.61 -2.82 -3.68
C SER A 2 -23.82 -3.32 -4.89
N SER A 3 -23.86 -4.63 -5.13
CA SER A 3 -23.15 -5.23 -6.25
C SER A 3 -21.79 -4.56 -6.44
N GLY A 4 -21.11 -4.28 -5.33
CA GLY A 4 -19.80 -3.65 -5.40
C GLY A 4 -19.48 -2.83 -4.17
N SER A 5 -18.51 -1.95 -4.28
CA SER A 5 -18.09 -1.10 -3.17
C SER A 5 -18.92 0.18 -3.12
N SER A 6 -19.30 0.60 -1.93
CA SER A 6 -20.09 1.81 -1.74
C SER A 6 -19.35 2.84 -0.90
N GLY A 7 -19.92 4.02 -0.77
CA GLY A 7 -19.30 5.07 0.02
C GLY A 7 -18.90 6.27 -0.82
N THR A 8 -19.41 7.44 -0.46
CA THR A 8 -19.11 8.66 -1.19
C THR A 8 -17.80 9.28 -0.71
N GLY A 9 -16.78 8.44 -0.57
CA GLY A 9 -15.48 8.92 -0.12
C GLY A 9 -14.41 7.85 -0.17
N GLN A 10 -13.15 8.27 -0.12
CA GLN A 10 -12.04 7.33 -0.17
C GLN A 10 -11.17 7.46 1.08
N ARG A 11 -10.95 6.34 1.75
CA ARG A 11 -10.14 6.32 2.98
C ARG A 11 -9.00 7.34 2.88
N PRO A 12 -8.73 8.01 4.00
CA PRO A 12 -7.67 9.03 4.07
C PRO A 12 -6.28 8.41 3.99
N TYR A 13 -6.22 7.09 3.92
CA TYR A 13 -4.95 6.37 3.84
C TYR A 13 -4.98 5.35 2.70
N GLU A 14 -4.11 5.57 1.71
CA GLU A 14 -4.03 4.66 0.57
C GLU A 14 -2.57 4.42 0.17
N CYS A 15 -2.18 3.17 0.13
CA CYS A 15 -0.81 2.79 -0.23
C CYS A 15 -0.59 2.95 -1.73
N ILE A 16 0.55 3.52 -2.11
CA ILE A 16 0.88 3.72 -3.50
C ILE A 16 1.88 2.67 -4.00
N GLU A 17 2.77 2.26 -3.10
CA GLU A 17 3.78 1.26 -3.44
C GLU A 17 3.17 0.13 -4.27
N CYS A 18 2.00 -0.34 -3.84
CA CYS A 18 1.31 -1.42 -4.54
C CYS A 18 -0.08 -0.98 -4.98
N GLY A 19 -0.78 -0.30 -4.09
CA GLY A 19 -2.12 0.17 -4.40
C GLY A 19 -3.15 -0.35 -3.43
N LYS A 20 -2.86 -0.27 -2.13
CA LYS A 20 -3.77 -0.75 -1.10
C LYS A 20 -4.43 0.42 -0.37
N ALA A 21 -5.29 0.11 0.58
CA ALA A 21 -5.97 1.13 1.36
C ALA A 21 -6.21 0.67 2.79
N PHE A 22 -6.42 1.63 3.69
CA PHE A 22 -6.66 1.32 5.09
C PHE A 22 -7.44 2.44 5.78
N LYS A 23 -8.53 2.07 6.44
CA LYS A 23 -9.37 3.04 7.14
C LYS A 23 -8.57 3.78 8.22
N THR A 24 -7.71 3.04 8.91
CA THR A 24 -6.89 3.61 9.97
C THR A 24 -5.44 3.73 9.55
N LYS A 25 -4.81 4.85 9.89
CA LYS A 25 -3.42 5.08 9.54
C LYS A 25 -2.51 4.00 10.12
N SER A 26 -2.57 3.84 11.45
CA SER A 26 -1.76 2.84 12.12
C SER A 26 -1.65 1.57 11.31
N SER A 27 -2.80 1.09 10.81
CA SER A 27 -2.84 -0.12 10.01
C SER A 27 -1.96 0.01 8.77
N LEU A 28 -2.13 1.11 8.05
CA LEU A 28 -1.35 1.36 6.84
C LEU A 28 0.14 1.30 7.14
N ILE A 29 0.53 1.79 8.31
CA ILE A 29 1.93 1.79 8.73
C ILE A 29 2.49 0.37 8.77
N CYS A 30 1.69 -0.56 9.27
CA CYS A 30 2.10 -1.96 9.37
C CYS A 30 2.25 -2.58 7.98
N HIS A 31 1.57 -2.00 7.01
CA HIS A 31 1.62 -2.50 5.64
C HIS A 31 2.71 -1.78 4.85
N ARG A 32 2.96 -0.52 5.20
CA ARG A 32 3.97 0.27 4.51
C ARG A 32 5.35 -0.36 4.66
N ARG A 33 5.81 -0.47 5.90
CA ARG A 33 7.12 -1.06 6.18
C ARG A 33 7.26 -2.42 5.50
N SER A 34 6.15 -3.13 5.35
CA SER A 34 6.15 -4.44 4.71
C SER A 34 6.83 -4.38 3.36
N HIS A 35 6.93 -3.18 2.79
CA HIS A 35 7.56 -3.00 1.50
C HIS A 35 9.06 -2.71 1.66
N THR A 36 9.72 -3.52 2.48
CA THR A 36 11.15 -3.36 2.72
C THR A 36 11.92 -3.24 1.41
N GLY A 37 12.07 -4.35 0.71
CA GLY A 37 12.78 -4.36 -0.55
C GLY A 37 14.11 -5.09 -0.48
N GLU A 38 14.19 -6.04 0.45
CA GLU A 38 15.42 -6.81 0.62
C GLU A 38 15.25 -8.24 0.12
N LYS A 39 14.60 -8.38 -1.03
CA LYS A 39 14.36 -9.69 -1.63
C LYS A 39 15.67 -10.32 -2.10
N PRO A 40 15.81 -11.63 -1.86
CA PRO A 40 17.01 -12.38 -2.26
C PRO A 40 17.13 -12.53 -3.77
N SER A 41 16.20 -11.92 -4.50
CA SER A 41 16.21 -11.98 -5.95
C SER A 41 17.65 -12.00 -6.49
N GLY A 42 17.95 -13.01 -7.31
CA GLY A 42 19.27 -13.12 -7.87
C GLY A 42 19.55 -14.52 -8.43
N PRO A 43 19.26 -14.70 -9.72
CA PRO A 43 19.47 -15.99 -10.39
C PRO A 43 20.95 -16.31 -10.58
N SER A 44 21.54 -16.95 -9.58
CA SER A 44 22.95 -17.31 -9.64
C SER A 44 23.19 -18.66 -8.97
N SER A 45 24.09 -19.45 -9.56
CA SER A 45 24.40 -20.78 -9.03
C SER A 45 25.42 -20.68 -7.89
N GLY A 46 25.50 -21.72 -7.08
CA GLY A 46 26.43 -21.74 -5.97
C GLY A 46 25.90 -22.50 -4.78
ZN ZN B . 1.50 -1.44 -0.37
N GLY A 1 -18.12 -5.38 -18.35
CA GLY A 1 -18.85 -4.56 -17.39
C GLY A 1 -18.15 -4.46 -16.05
N SER A 2 -18.88 -4.78 -14.99
CA SER A 2 -18.31 -4.72 -13.64
C SER A 2 -19.09 -5.64 -12.69
N SER A 3 -18.36 -6.53 -12.03
CA SER A 3 -18.98 -7.46 -11.09
C SER A 3 -18.41 -7.28 -9.69
N GLY A 4 -17.08 -7.33 -9.59
CA GLY A 4 -16.43 -7.16 -8.30
C GLY A 4 -15.10 -6.47 -8.40
N SER A 5 -15.13 -5.20 -8.82
CA SER A 5 -13.90 -4.42 -8.97
C SER A 5 -14.06 -3.03 -8.36
N SER A 6 -15.18 -2.38 -8.69
CA SER A 6 -15.45 -1.04 -8.18
C SER A 6 -15.52 -1.03 -6.66
N GLY A 7 -14.50 -0.47 -6.03
CA GLY A 7 -14.46 -0.41 -4.58
C GLY A 7 -15.58 0.46 -4.01
N THR A 8 -15.62 0.54 -2.67
CA THR A 8 -16.64 1.34 -2.01
C THR A 8 -16.01 2.31 -1.01
N GLY A 9 -16.34 3.59 -1.14
CA GLY A 9 -15.80 4.59 -0.23
C GLY A 9 -14.35 4.92 -0.54
N GLN A 10 -13.91 6.09 -0.11
CA GLN A 10 -12.55 6.53 -0.34
C GLN A 10 -11.81 6.76 0.98
N ARG A 11 -10.79 5.96 1.23
CA ARG A 11 -10.01 6.07 2.47
C ARG A 11 -8.86 7.06 2.29
N PRO A 12 -8.58 7.83 3.35
CA PRO A 12 -7.51 8.83 3.33
C PRO A 12 -6.13 8.20 3.32
N TYR A 13 -6.04 6.97 3.81
CA TYR A 13 -4.77 6.25 3.86
C TYR A 13 -4.67 5.26 2.69
N GLU A 14 -3.84 5.60 1.71
CA GLU A 14 -3.64 4.74 0.55
C GLU A 14 -2.17 4.45 0.33
N CYS A 15 -1.86 3.21 -0.04
CA CYS A 15 -0.49 2.80 -0.28
C CYS A 15 -0.18 2.78 -1.78
N ILE A 16 0.66 3.73 -2.21
CA ILE A 16 1.03 3.81 -3.61
C ILE A 16 1.97 2.68 -4.02
N GLU A 17 2.82 2.27 -3.09
CA GLU A 17 3.77 1.18 -3.33
C GLU A 17 3.09 0.02 -4.03
N CYS A 18 1.87 -0.29 -3.61
CA CYS A 18 1.10 -1.38 -4.19
C CYS A 18 -0.28 -0.90 -4.61
N GLY A 19 -0.94 -0.16 -3.74
CA GLY A 19 -2.28 0.35 -4.04
C GLY A 19 -3.33 -0.23 -3.11
N LYS A 20 -3.08 -0.16 -1.81
CA LYS A 20 -4.02 -0.66 -0.82
C LYS A 20 -4.59 0.46 0.02
N ALA A 21 -5.86 0.34 0.38
CA ALA A 21 -6.52 1.36 1.20
C ALA A 21 -6.81 0.83 2.61
N PHE A 22 -6.54 1.67 3.60
CA PHE A 22 -6.77 1.30 5.00
C PHE A 22 -7.62 2.34 5.71
N LYS A 23 -8.47 1.88 6.62
CA LYS A 23 -9.34 2.77 7.38
C LYS A 23 -8.55 3.53 8.44
N THR A 24 -7.73 2.81 9.19
CA THR A 24 -6.92 3.41 10.24
C THR A 24 -5.46 3.50 9.82
N LYS A 25 -4.89 4.69 9.96
CA LYS A 25 -3.49 4.91 9.60
C LYS A 25 -2.60 3.82 10.16
N SER A 26 -2.90 3.38 11.38
CA SER A 26 -2.12 2.33 12.03
C SER A 26 -1.85 1.18 11.08
N SER A 27 -2.89 0.74 10.38
CA SER A 27 -2.76 -0.36 9.42
C SER A 27 -1.76 -0.01 8.33
N LEU A 28 -1.89 1.20 7.78
CA LEU A 28 -1.00 1.65 6.72
C LEU A 28 0.44 1.74 7.21
N ILE A 29 0.60 2.23 8.44
CA ILE A 29 1.93 2.36 9.03
C ILE A 29 2.64 1.02 9.08
N CYS A 30 1.91 -0.03 9.43
CA CYS A 30 2.47 -1.37 9.51
C CYS A 30 2.67 -1.97 8.13
N HIS A 31 1.65 -1.86 7.29
CA HIS A 31 1.71 -2.39 5.93
C HIS A 31 2.86 -1.76 5.15
N ARG A 32 2.88 -0.43 5.11
CA ARG A 32 3.93 0.30 4.40
C ARG A 32 5.27 -0.43 4.53
N ARG A 33 5.68 -0.67 5.77
CA ARG A 33 6.95 -1.34 6.03
C ARG A 33 7.05 -2.63 5.22
N SER A 34 5.97 -3.40 5.18
CA SER A 34 5.94 -4.66 4.44
C SER A 34 6.63 -4.51 3.10
N HIS A 35 6.69 -3.28 2.59
CA HIS A 35 7.32 -3.01 1.30
C HIS A 35 8.80 -2.65 1.49
N THR A 36 9.49 -3.43 2.31
CA THR A 36 10.90 -3.21 2.58
C THR A 36 11.71 -3.19 1.29
N GLY A 37 11.50 -4.19 0.45
CA GLY A 37 12.21 -4.27 -0.81
C GLY A 37 11.54 -5.18 -1.81
N GLU A 38 10.21 -5.08 -1.89
CA GLU A 38 9.44 -5.91 -2.82
C GLU A 38 10.05 -5.89 -4.21
N LYS A 39 9.84 -6.97 -4.95
CA LYS A 39 10.38 -7.08 -6.31
C LYS A 39 9.29 -7.52 -7.29
N PRO A 40 8.63 -6.54 -7.92
CA PRO A 40 7.56 -6.80 -8.88
C PRO A 40 8.09 -7.40 -10.18
N SER A 41 7.26 -8.19 -10.84
CA SER A 41 7.65 -8.84 -12.10
C SER A 41 7.43 -7.90 -13.28
N GLY A 42 8.51 -7.32 -13.78
CA GLY A 42 8.42 -6.41 -14.91
C GLY A 42 8.96 -5.04 -14.59
N PRO A 43 9.02 -4.17 -15.61
CA PRO A 43 9.53 -2.80 -15.46
C PRO A 43 8.59 -1.93 -14.64
N SER A 44 7.30 -2.07 -14.88
CA SER A 44 6.29 -1.29 -14.16
C SER A 44 6.82 0.12 -13.86
N SER A 45 7.48 0.70 -14.85
CA SER A 45 8.03 2.05 -14.70
C SER A 45 6.92 3.09 -14.57
N GLY A 46 7.13 4.07 -13.70
CA GLY A 46 6.14 5.11 -13.50
C GLY A 46 6.77 6.46 -13.20
ZN ZN B . 1.16 -1.69 -0.06
N GLY A 1 -15.50 -1.55 -13.12
CA GLY A 1 -16.11 -2.49 -12.19
C GLY A 1 -15.84 -2.14 -10.74
N SER A 2 -16.87 -1.69 -10.04
CA SER A 2 -16.74 -1.32 -8.63
C SER A 2 -17.22 -2.44 -7.72
N SER A 3 -16.29 -3.27 -7.26
CA SER A 3 -16.62 -4.38 -6.37
C SER A 3 -15.73 -4.39 -5.14
N GLY A 4 -16.18 -3.73 -4.08
CA GLY A 4 -15.40 -3.68 -2.85
C GLY A 4 -16.25 -3.29 -1.65
N SER A 5 -17.10 -4.21 -1.20
CA SER A 5 -17.96 -3.95 -0.06
C SER A 5 -17.31 -4.43 1.23
N SER A 6 -16.02 -4.17 1.38
CA SER A 6 -15.28 -4.59 2.57
C SER A 6 -14.80 -3.38 3.35
N GLY A 7 -15.37 -3.19 4.55
CA GLY A 7 -14.98 -2.06 5.38
C GLY A 7 -16.12 -1.08 5.58
N THR A 8 -16.38 -0.73 6.85
CA THR A 8 -17.44 0.20 7.17
C THR A 8 -16.88 1.59 7.49
N GLY A 9 -16.87 2.45 6.48
CA GLY A 9 -16.35 3.80 6.66
C GLY A 9 -15.45 4.24 5.51
N GLN A 10 -14.91 5.45 5.63
CA GLN A 10 -14.04 6.00 4.59
C GLN A 10 -12.59 5.64 4.87
N ARG A 11 -11.82 5.43 3.81
CA ARG A 11 -10.41 5.09 3.94
C ARG A 11 -9.52 6.16 3.30
N PRO A 12 -9.30 7.26 4.03
CA PRO A 12 -8.47 8.37 3.56
C PRO A 12 -6.99 8.01 3.47
N TYR A 13 -6.67 6.78 3.87
CA TYR A 13 -5.29 6.30 3.83
C TYR A 13 -5.13 5.19 2.81
N GLU A 14 -4.31 5.45 1.79
CA GLU A 14 -4.07 4.46 0.73
C GLU A 14 -2.57 4.31 0.48
N CYS A 15 -2.15 3.08 0.22
CA CYS A 15 -0.74 2.78 -0.05
C CYS A 15 -0.37 3.16 -1.47
N ILE A 16 0.90 3.46 -1.68
CA ILE A 16 1.39 3.84 -3.01
C ILE A 16 2.33 2.78 -3.57
N GLU A 17 3.14 2.18 -2.69
CA GLU A 17 4.08 1.15 -3.10
C GLU A 17 3.41 0.12 -4.01
N CYS A 18 2.22 -0.34 -3.61
CA CYS A 18 1.48 -1.32 -4.38
C CYS A 18 0.09 -0.79 -4.72
N GLY A 19 -0.54 -0.10 -3.76
CA GLY A 19 -1.86 0.44 -3.98
C GLY A 19 -2.92 -0.28 -3.16
N LYS A 20 -3.21 0.24 -1.98
CA LYS A 20 -4.21 -0.36 -1.10
C LYS A 20 -5.00 0.71 -0.36
N ALA A 21 -5.87 0.27 0.54
CA ALA A 21 -6.68 1.19 1.33
C ALA A 21 -6.87 0.69 2.76
N PHE A 22 -6.65 1.58 3.72
CA PHE A 22 -6.78 1.22 5.13
C PHE A 22 -7.61 2.27 5.87
N LYS A 23 -8.25 1.86 6.95
CA LYS A 23 -9.07 2.75 7.75
C LYS A 23 -8.23 3.91 8.30
N THR A 24 -7.17 3.56 9.01
CA THR A 24 -6.28 4.57 9.59
C THR A 24 -4.82 4.22 9.34
N LYS A 25 -3.93 5.19 9.57
CA LYS A 25 -2.50 4.98 9.38
C LYS A 25 -2.02 3.74 10.13
N SER A 26 -2.39 3.65 11.41
CA SER A 26 -1.99 2.50 12.23
C SER A 26 -2.07 1.22 11.43
N SER A 27 -2.92 1.19 10.42
CA SER A 27 -3.09 0.00 9.58
C SER A 27 -2.19 0.09 8.35
N LEU A 28 -2.28 1.20 7.63
CA LEU A 28 -1.48 1.40 6.43
C LEU A 28 0.01 1.28 6.75
N ILE A 29 0.46 2.03 7.75
CA ILE A 29 1.86 2.00 8.16
C ILE A 29 2.38 0.58 8.27
N CYS A 30 1.69 -0.24 9.06
CA CYS A 30 2.07 -1.63 9.25
C CYS A 30 2.20 -2.35 7.92
N HIS A 31 1.52 -1.83 6.90
CA HIS A 31 1.56 -2.42 5.57
C HIS A 31 2.67 -1.80 4.72
N ARG A 32 3.03 -0.55 5.05
CA ARG A 32 4.08 0.14 4.33
C ARG A 32 5.46 -0.41 4.69
N ARG A 33 5.59 -0.88 5.92
CA ARG A 33 6.85 -1.43 6.40
C ARG A 33 7.19 -2.71 5.65
N SER A 34 6.17 -3.50 5.33
CA SER A 34 6.38 -4.75 4.62
C SER A 34 7.15 -4.53 3.32
N HIS A 35 6.81 -3.46 2.62
CA HIS A 35 7.46 -3.13 1.35
C HIS A 35 8.94 -2.82 1.58
N THR A 36 9.21 -1.99 2.58
CA THR A 36 10.59 -1.61 2.91
C THR A 36 11.41 -2.81 3.31
N GLY A 37 12.29 -3.26 2.42
CA GLY A 37 13.13 -4.41 2.71
C GLY A 37 13.53 -5.18 1.45
N GLU A 38 12.75 -6.19 1.11
CA GLU A 38 13.02 -7.00 -0.07
C GLU A 38 12.55 -6.29 -1.34
N LYS A 39 13.44 -6.22 -2.33
CA LYS A 39 13.11 -5.57 -3.60
C LYS A 39 13.75 -6.31 -4.76
N PRO A 40 12.96 -6.53 -5.83
CA PRO A 40 13.43 -7.23 -7.03
C PRO A 40 14.42 -6.40 -7.83
N SER A 41 14.79 -5.25 -7.29
CA SER A 41 15.74 -4.36 -7.96
C SER A 41 16.79 -5.16 -8.73
N GLY A 42 16.68 -5.15 -10.05
CA GLY A 42 17.61 -5.89 -10.88
C GLY A 42 18.58 -4.96 -11.62
N PRO A 43 19.65 -4.55 -10.92
CA PRO A 43 20.66 -3.66 -11.50
C PRO A 43 21.49 -4.36 -12.58
N SER A 44 22.28 -3.57 -13.30
CA SER A 44 23.12 -4.10 -14.37
C SER A 44 24.34 -4.81 -13.79
N SER A 45 24.58 -6.04 -14.24
CA SER A 45 25.71 -6.82 -13.77
C SER A 45 25.82 -6.76 -12.25
N GLY A 46 24.67 -6.79 -11.58
CA GLY A 46 24.66 -6.74 -10.13
C GLY A 46 25.59 -7.77 -9.51
ZN ZN B . 1.36 -1.50 -0.49
#